data_3EZ9
#
_entry.id   3EZ9
#
_cell.length_a   55.950
_cell.length_b   267.410
_cell.length_c   154.690
_cell.angle_alpha   90.00
_cell.angle_beta   90.00
_cell.angle_gamma   90.00
#
_symmetry.space_group_name_H-M   'C 2 2 21'
#
loop_
_entity.id
_entity.type
_entity.pdbx_description
1 polymer ParA
2 non-polymer 'MAGNESIUM ION'
3 water water
#
_entity_poly.entity_id   1
_entity_poly.type   'polypeptide(L)'
_entity_poly.pdbx_seq_one_letter_code
;MMMKRDYGGVGTIALRASALLKAMSQDIEDQRKEFNQTEYYQTFTRNAVAKLPKLSRRIVDQAIKEMEEDGYQFNKKQVG
NVEQYALTIQNVIDIYAHRKIPKYRDIHKSPYVIFVVNLKGGVSKTVSTVTLAHALRVHQDLLRHDLRILVIDLDPQASS
TMFLDHTHSIGSILETAAQAMLNNLDAETLRKEVIRPTIVPGVDVIPASIDDGFVASQWRELVEEHLPGQNQYEILRRNI
IDRVADDYDFIFIDTGPHLDPFLLNGLAASDLLLTPTPPAQVDFHSTLKYLTRLPEMLEQLEEEGVEPRLSASIGFMSKM
TGKRDHETSHSLAREVYASNILDSSLPRLDGFERCGESFDTVISANPQSYPGSAEALKKARTEAERFTKAVFDRIEFVRG
EAA
;
_entity_poly.pdbx_strand_id   A,B
#
loop_
_chem_comp.id
_chem_comp.type
_chem_comp.name
_chem_comp.formula
MG non-polymer 'MAGNESIUM ION' 'Mg 2'
#
# COMPACT_ATOMS: atom_id res chain seq x y z
N MET A 3 12.73 -12.94 -40.87
CA MET A 3 12.90 -14.44 -40.64
C MET A 3 14.16 -15.34 -40.14
N LYS A 4 14.93 -15.29 -38.94
CA LYS A 4 16.01 -16.38 -38.78
C LYS A 4 15.76 -17.33 -37.60
N ARG A 5 16.23 -16.93 -36.39
CA ARG A 5 16.01 -17.71 -35.17
C ARG A 5 15.30 -16.98 -34.01
N ASP A 6 16.06 -16.25 -33.18
CA ASP A 6 15.47 -15.51 -32.04
C ASP A 6 15.20 -14.04 -32.46
N TYR A 7 15.74 -13.70 -33.62
CA TYR A 7 15.54 -12.42 -34.27
C TYR A 7 14.24 -12.68 -34.95
N GLY A 8 13.95 -13.97 -35.21
CA GLY A 8 12.69 -14.39 -35.78
C GLY A 8 11.76 -14.55 -34.57
N GLY A 9 12.29 -14.11 -33.43
CA GLY A 9 11.58 -14.14 -32.16
C GLY A 9 11.22 -12.73 -31.69
N VAL A 10 11.86 -11.74 -32.28
CA VAL A 10 11.55 -10.36 -31.95
C VAL A 10 10.16 -10.20 -32.56
N GLY A 11 9.93 -10.91 -33.67
CA GLY A 11 8.65 -10.84 -34.34
C GLY A 11 7.59 -11.42 -33.43
N THR A 12 8.01 -12.40 -32.65
CA THR A 12 7.15 -13.11 -31.69
C THR A 12 6.70 -12.16 -30.59
N ILE A 13 7.66 -11.50 -29.96
CA ILE A 13 7.32 -10.54 -28.92
C ILE A 13 6.41 -9.45 -29.51
N ALA A 14 6.73 -9.01 -30.72
CA ALA A 14 5.94 -7.98 -31.40
C ALA A 14 4.50 -8.44 -31.54
N LEU A 15 4.29 -9.65 -32.06
CA LEU A 15 2.95 -10.18 -32.24
C LEU A 15 2.20 -10.19 -30.92
N ARG A 16 2.88 -10.53 -29.85
CA ARG A 16 2.23 -10.56 -28.56
C ARG A 16 2.03 -9.15 -28.01
N ALA A 17 2.90 -8.22 -28.37
CA ALA A 17 2.79 -6.84 -27.90
C ALA A 17 1.55 -6.15 -28.48
N SER A 18 1.35 -6.32 -29.79
CA SER A 18 0.22 -5.73 -30.49
C SER A 18 -1.06 -6.37 -29.97
N ALA A 19 -0.96 -7.64 -29.58
CA ALA A 19 -2.10 -8.39 -29.06
C ALA A 19 -2.49 -7.89 -27.67
N LEU A 20 -1.50 -7.43 -26.89
CA LEU A 20 -1.77 -6.88 -25.57
C LEU A 20 -2.13 -5.43 -25.78
N LEU A 21 -1.82 -4.87 -26.95
CA LEU A 21 -2.21 -3.48 -27.17
C LEU A 21 -3.70 -3.47 -27.34
N LYS A 22 -4.28 -4.64 -27.58
CA LYS A 22 -5.73 -4.70 -27.69
C LYS A 22 -6.25 -4.75 -26.25
N ALA A 23 -5.36 -5.02 -25.30
CA ALA A 23 -5.73 -5.04 -23.89
C ALA A 23 -6.00 -3.61 -23.50
N MET A 24 -5.84 -2.72 -24.49
CA MET A 24 -6.00 -1.28 -24.30
C MET A 24 -7.35 -0.63 -24.07
N SER A 25 -8.47 -1.23 -24.48
CA SER A 25 -9.76 -0.57 -24.23
C SER A 25 -9.93 -0.36 -22.73
N GLN A 26 -9.27 -1.23 -21.98
CA GLN A 26 -9.29 -1.19 -20.53
C GLN A 26 -8.51 0.02 -20.03
N ASP A 27 -7.66 0.56 -20.91
CA ASP A 27 -6.82 1.73 -20.61
C ASP A 27 -7.35 3.07 -21.16
N ILE A 28 -8.18 3.02 -22.20
CA ILE A 28 -8.74 4.25 -22.78
C ILE A 28 -9.59 4.95 -21.71
N GLU A 29 -10.19 4.16 -20.82
CA GLU A 29 -11.02 4.70 -19.74
C GLU A 29 -10.15 5.33 -18.67
N ASP A 30 -8.84 5.11 -18.79
CA ASP A 30 -7.87 5.67 -17.86
C ASP A 30 -7.50 7.08 -18.32
N GLN A 31 -7.62 7.32 -19.63
CA GLN A 31 -7.32 8.63 -20.20
C GLN A 31 -8.28 9.68 -19.67
N ARG A 32 -9.51 9.28 -19.42
CA ARG A 32 -10.53 10.16 -18.90
C ARG A 32 -10.23 10.47 -17.43
N LYS A 33 -9.49 9.59 -16.78
CA LYS A 33 -9.12 9.77 -15.38
C LYS A 33 -8.14 10.93 -15.28
N GLU A 34 -7.51 11.24 -16.42
CA GLU A 34 -6.55 12.34 -16.53
C GLU A 34 -7.26 13.61 -16.98
N PHE A 35 -8.38 13.47 -17.70
CA PHE A 35 -9.15 14.60 -18.17
C PHE A 35 -10.19 15.02 -17.15
N ASN A 36 -10.47 14.13 -16.19
CA ASN A 36 -11.42 14.44 -15.12
C ASN A 36 -10.77 15.42 -14.16
N GLN A 37 -9.44 15.47 -14.20
CA GLN A 37 -8.66 16.37 -13.35
C GLN A 37 -8.63 17.78 -13.95
N THR A 38 -8.83 17.87 -15.26
CA THR A 38 -8.85 19.15 -15.97
C THR A 38 -10.10 19.89 -15.49
N GLU A 39 -11.20 19.15 -15.36
CA GLU A 39 -12.49 19.68 -14.93
C GLU A 39 -12.94 20.87 -15.75
N TYR A 40 -13.00 20.76 -17.07
CA TYR A 40 -13.43 21.93 -17.81
C TYR A 40 -14.78 22.03 -18.46
N TYR A 41 -15.67 22.63 -17.68
CA TYR A 41 -17.04 22.93 -18.04
C TYR A 41 -17.26 23.93 -16.92
N GLN A 42 -16.50 25.01 -17.00
CA GLN A 42 -16.56 26.08 -16.02
C GLN A 42 -17.97 26.61 -16.01
N THR A 43 -18.44 26.94 -14.82
CA THR A 43 -19.78 27.49 -14.65
C THR A 43 -19.53 28.96 -14.32
N PHE A 44 -20.31 29.85 -14.92
CA PHE A 44 -20.14 31.27 -14.66
C PHE A 44 -21.39 31.92 -14.09
N THR A 45 -21.24 32.52 -12.91
CA THR A 45 -22.35 33.21 -12.28
C THR A 45 -22.34 34.60 -12.88
N ARG A 46 -23.52 35.19 -13.07
CA ARG A 46 -23.62 36.52 -13.69
C ARG A 46 -22.73 37.60 -13.08
N ASN A 47 -22.40 37.49 -11.80
CA ASN A 47 -21.55 38.47 -11.14
C ASN A 47 -20.10 38.29 -11.62
N ALA A 48 -19.68 37.03 -11.76
CA ALA A 48 -18.34 36.72 -12.22
C ALA A 48 -18.15 37.31 -13.62
N VAL A 49 -19.06 36.94 -14.51
CA VAL A 49 -19.02 37.44 -15.87
C VAL A 49 -18.92 38.97 -15.85
N ALA A 50 -19.69 39.59 -14.97
CA ALA A 50 -19.70 41.07 -14.84
C ALA A 50 -18.34 41.57 -14.37
N LYS A 51 -17.58 40.67 -13.75
CA LYS A 51 -16.26 41.01 -13.27
C LYS A 51 -15.24 40.94 -14.38
N LEU A 52 -15.55 40.22 -15.45
CA LEU A 52 -14.64 40.06 -16.60
C LEU A 52 -14.32 41.39 -17.31
N PRO A 53 -13.33 41.37 -18.22
CA PRO A 53 -12.94 42.58 -18.94
C PRO A 53 -14.02 43.15 -19.85
N LYS A 54 -14.02 44.47 -19.98
CA LYS A 54 -14.96 45.19 -20.82
C LYS A 54 -16.43 44.86 -20.59
N LEU A 55 -16.72 44.32 -19.41
CA LEU A 55 -18.09 43.98 -19.07
C LEU A 55 -18.39 44.53 -17.69
N SER A 56 -19.67 44.56 -17.32
CA SER A 56 -20.10 45.10 -16.03
C SER A 56 -21.51 44.59 -15.78
N ARG A 57 -21.92 44.53 -14.51
CA ARG A 57 -23.25 44.05 -14.10
C ARG A 57 -24.34 44.56 -15.03
N ARG A 58 -24.15 45.75 -15.58
CA ARG A 58 -25.13 46.31 -16.49
C ARG A 58 -24.96 45.87 -17.94
N ILE A 59 -23.75 45.51 -18.32
CA ILE A 59 -23.53 45.04 -19.69
C ILE A 59 -24.11 43.62 -19.78
N VAL A 60 -23.83 42.84 -18.76
CA VAL A 60 -24.29 41.47 -18.71
C VAL A 60 -25.79 41.41 -18.76
N ASP A 61 -26.44 42.18 -17.90
CA ASP A 61 -27.89 42.19 -17.84
C ASP A 61 -28.55 42.67 -19.12
N GLN A 62 -28.00 43.70 -19.75
CA GLN A 62 -28.58 44.20 -20.98
C GLN A 62 -28.43 43.17 -22.09
N ALA A 63 -27.26 42.55 -22.13
CA ALA A 63 -26.99 41.56 -23.16
C ALA A 63 -27.86 40.34 -22.91
N ILE A 64 -27.86 39.84 -21.68
CA ILE A 64 -28.69 38.69 -21.37
C ILE A 64 -30.15 38.92 -21.74
N LYS A 65 -30.70 40.05 -21.34
CA LYS A 65 -32.09 40.36 -21.65
C LYS A 65 -32.27 40.44 -23.14
N GLU A 66 -31.45 41.27 -23.77
CA GLU A 66 -31.53 41.44 -25.19
C GLU A 66 -31.44 40.11 -25.93
N MET A 67 -30.37 39.38 -25.69
CA MET A 67 -30.14 38.11 -26.35
C MET A 67 -31.28 37.15 -26.10
N GLU A 68 -31.66 37.02 -24.84
CA GLU A 68 -32.72 36.11 -24.44
C GLU A 68 -33.96 36.34 -25.32
N GLU A 69 -34.23 37.63 -25.55
CA GLU A 69 -35.38 38.06 -26.31
C GLU A 69 -35.37 37.61 -27.78
N ASP A 70 -34.28 37.77 -28.52
CA ASP A 70 -34.32 37.32 -29.92
C ASP A 70 -34.05 35.81 -30.15
N GLY A 71 -34.15 34.96 -29.12
CA GLY A 71 -33.97 33.55 -29.38
C GLY A 71 -33.07 32.82 -28.42
N TYR A 72 -31.83 33.28 -28.40
CA TYR A 72 -30.77 32.76 -27.56
C TYR A 72 -31.29 32.20 -26.25
N GLN A 73 -30.75 31.04 -25.90
CA GLN A 73 -31.11 30.36 -24.67
C GLN A 73 -29.83 30.13 -23.89
N PHE A 74 -29.70 30.78 -22.75
CA PHE A 74 -28.51 30.64 -21.91
C PHE A 74 -28.57 29.36 -21.11
N ASN A 75 -27.43 28.97 -20.53
CA ASN A 75 -27.35 27.76 -19.75
C ASN A 75 -27.76 28.00 -18.29
N LYS A 76 -28.50 27.05 -17.72
CA LYS A 76 -28.91 27.17 -16.33
C LYS A 76 -28.80 25.83 -15.60
N LYS A 77 -28.73 25.92 -14.27
CA LYS A 77 -28.65 24.74 -13.42
C LYS A 77 -29.83 24.77 -12.47
N GLN A 78 -30.31 23.59 -12.08
CA GLN A 78 -31.42 23.51 -11.17
C GLN A 78 -30.95 23.10 -9.77
N VAL A 79 -30.49 24.08 -8.99
CA VAL A 79 -30.03 23.85 -7.62
C VAL A 79 -31.19 23.98 -6.63
N GLY A 80 -31.47 22.89 -5.92
CA GLY A 80 -32.56 22.90 -4.97
C GLY A 80 -33.89 22.99 -5.69
N ASN A 81 -34.37 24.22 -5.86
CA ASN A 81 -35.64 24.47 -6.54
C ASN A 81 -35.56 25.77 -7.32
N VAL A 82 -34.35 26.31 -7.43
CA VAL A 82 -34.12 27.56 -8.14
C VAL A 82 -33.18 27.36 -9.33
N GLU A 83 -33.48 28.02 -10.43
CA GLU A 83 -32.65 27.93 -11.63
C GLU A 83 -31.69 29.11 -11.75
N GLN A 84 -30.47 28.91 -11.27
CA GLN A 84 -29.44 29.94 -11.32
C GLN A 84 -28.86 29.93 -12.73
N TYR A 85 -28.18 31.01 -13.08
CA TYR A 85 -27.54 31.08 -14.38
C TYR A 85 -26.14 30.52 -14.21
N ALA A 86 -25.75 29.70 -15.16
CA ALA A 86 -24.44 29.09 -15.19
C ALA A 86 -24.10 29.36 -16.63
N LEU A 87 -23.34 30.42 -16.90
CA LEU A 87 -23.01 30.72 -18.28
C LEU A 87 -21.80 29.89 -18.68
N THR A 88 -21.78 29.45 -19.92
CA THR A 88 -20.66 28.67 -20.42
C THR A 88 -19.65 29.59 -21.14
N ILE A 89 -18.53 29.03 -21.59
CA ILE A 89 -17.55 29.82 -22.30
C ILE A 89 -18.23 30.45 -23.54
N GLN A 90 -19.08 29.69 -24.22
CA GLN A 90 -19.79 30.20 -25.41
C GLN A 90 -20.79 31.28 -25.05
N ASN A 91 -21.35 31.16 -23.86
CA ASN A 91 -22.31 32.15 -23.40
C ASN A 91 -21.57 33.46 -23.27
N VAL A 92 -20.43 33.41 -22.57
CA VAL A 92 -19.64 34.61 -22.34
C VAL A 92 -19.09 35.13 -23.66
N ILE A 93 -18.66 34.21 -24.52
CA ILE A 93 -18.14 34.60 -25.83
C ILE A 93 -19.20 35.33 -26.68
N ASP A 94 -20.42 34.80 -26.70
CA ASP A 94 -21.53 35.40 -27.46
C ASP A 94 -21.94 36.76 -26.88
N ILE A 95 -21.85 36.89 -25.55
CA ILE A 95 -22.16 38.15 -24.93
C ILE A 95 -21.20 39.19 -25.48
N TYR A 96 -19.90 38.92 -25.47
CA TYR A 96 -18.95 39.87 -26.02
C TYR A 96 -19.28 40.17 -27.48
N ALA A 97 -19.79 39.18 -28.21
CA ALA A 97 -20.14 39.42 -29.62
C ALA A 97 -21.41 40.29 -29.68
N HIS A 98 -22.34 40.05 -28.77
CA HIS A 98 -23.55 40.86 -28.76
C HIS A 98 -23.18 42.31 -28.43
N ARG A 99 -22.26 42.45 -27.49
CA ARG A 99 -21.79 43.75 -27.05
C ARG A 99 -20.84 44.32 -28.10
N LYS A 100 -20.63 43.55 -29.17
CA LYS A 100 -19.79 43.96 -30.30
C LYS A 100 -18.32 44.21 -30.05
N ILE A 101 -17.74 43.51 -29.07
CA ILE A 101 -16.31 43.61 -28.75
C ILE A 101 -15.66 42.77 -29.84
N PRO A 102 -14.63 43.29 -30.50
CA PRO A 102 -13.92 42.58 -31.57
C PRO A 102 -13.20 41.31 -31.15
N LYS A 103 -13.37 40.25 -31.94
CA LYS A 103 -12.73 38.96 -31.70
C LYS A 103 -11.28 39.07 -32.20
N TYR A 104 -10.43 38.15 -31.78
CA TYR A 104 -9.03 38.20 -32.19
C TYR A 104 -8.91 38.13 -33.71
N ARG A 105 -9.83 37.39 -34.32
CA ARG A 105 -9.87 37.22 -35.75
C ARG A 105 -10.35 38.47 -36.48
N ASP A 106 -10.65 39.53 -35.74
CA ASP A 106 -11.11 40.79 -36.32
C ASP A 106 -10.02 41.82 -36.26
N ILE A 107 -8.98 41.55 -35.49
CA ILE A 107 -7.86 42.47 -35.37
C ILE A 107 -6.59 41.95 -36.08
N HIS A 108 -6.44 40.63 -36.17
CA HIS A 108 -5.23 40.10 -36.78
C HIS A 108 -5.45 39.26 -38.00
N LYS A 109 -4.67 39.55 -39.05
CA LYS A 109 -4.74 38.77 -40.27
C LYS A 109 -4.39 37.30 -39.94
N SER A 110 -5.21 36.36 -40.51
CA SER A 110 -5.04 34.89 -40.33
C SER A 110 -3.62 34.31 -40.54
N PRO A 111 -3.51 33.35 -39.62
CA PRO A 111 -2.55 32.36 -38.86
C PRO A 111 -1.23 32.87 -38.33
N TYR A 112 -1.14 32.94 -37.05
CA TYR A 112 0.14 33.22 -36.50
C TYR A 112 0.68 31.87 -36.05
N VAL A 113 1.81 31.45 -36.62
CA VAL A 113 2.39 30.15 -36.32
C VAL A 113 3.51 30.16 -35.27
N ILE A 114 3.37 29.29 -34.28
CA ILE A 114 4.32 29.19 -33.18
C ILE A 114 5.04 27.85 -33.12
N PHE A 115 6.35 27.90 -32.99
CA PHE A 115 7.17 26.69 -32.90
C PHE A 115 7.55 26.44 -31.43
N VAL A 116 7.03 25.38 -30.83
CA VAL A 116 7.37 25.09 -29.45
C VAL A 116 8.58 24.15 -29.32
N VAL A 117 9.64 24.63 -28.68
CA VAL A 117 10.86 23.85 -28.50
C VAL A 117 10.74 22.71 -27.47
N ASN A 118 10.80 21.47 -27.95
CA ASN A 118 10.70 20.29 -27.08
C ASN A 118 12.09 19.71 -26.81
N LEU A 119 12.31 19.24 -25.57
CA LEU A 119 13.61 18.72 -25.19
C LEU A 119 13.50 17.41 -24.41
N SER A 128 1.47 19.48 -22.45
CA SER A 128 2.24 20.71 -22.22
C SER A 128 1.93 21.74 -23.32
N THR A 129 1.85 21.33 -24.58
CA THR A 129 1.53 22.30 -25.61
C THR A 129 0.00 22.45 -25.70
N VAL A 130 -0.70 21.33 -25.84
CA VAL A 130 -2.16 21.33 -25.94
C VAL A 130 -2.71 21.90 -24.66
N THR A 131 -1.96 21.69 -23.59
CA THR A 131 -2.39 22.17 -22.30
C THR A 131 -2.30 23.71 -22.28
N LEU A 132 -1.34 24.25 -22.99
CA LEU A 132 -1.15 25.68 -23.09
C LEU A 132 -2.24 26.22 -24.02
N ALA A 133 -2.49 25.49 -25.11
CA ALA A 133 -3.51 25.92 -26.06
C ALA A 133 -4.85 25.96 -25.33
N HIS A 134 -5.15 24.91 -24.58
CA HIS A 134 -6.40 24.90 -23.83
C HIS A 134 -6.48 26.08 -22.84
N ALA A 135 -5.35 26.37 -22.21
CA ALA A 135 -5.23 27.45 -21.26
C ALA A 135 -5.57 28.81 -21.87
N LEU A 136 -4.98 29.10 -23.02
CA LEU A 136 -5.20 30.39 -23.71
C LEU A 136 -6.64 30.56 -24.17
N ARG A 137 -7.27 29.47 -24.55
CA ARG A 137 -8.63 29.50 -25.03
C ARG A 137 -9.66 29.81 -23.95
N VAL A 138 -9.55 29.10 -22.83
CA VAL A 138 -10.47 29.24 -21.73
C VAL A 138 -10.06 30.22 -20.66
N HIS A 139 -9.06 31.05 -20.93
CA HIS A 139 -8.69 31.99 -19.89
C HIS A 139 -9.77 33.10 -19.77
N GLN A 140 -10.19 33.36 -18.53
CA GLN A 140 -11.20 34.38 -18.27
C GLN A 140 -11.00 35.67 -19.06
N ASP A 141 -9.85 36.33 -18.86
CA ASP A 141 -9.62 37.57 -19.55
C ASP A 141 -9.24 37.39 -21.01
N LEU A 142 -9.36 36.18 -21.53
CA LEU A 142 -9.01 35.92 -22.90
C LEU A 142 -10.20 35.45 -23.76
N LEU A 143 -11.29 35.07 -23.11
CA LEU A 143 -12.50 34.63 -23.82
C LEU A 143 -13.00 35.66 -24.85
N ARG A 144 -12.85 36.93 -24.51
CA ARG A 144 -13.28 38.02 -25.37
C ARG A 144 -12.66 37.91 -26.75
N HIS A 145 -11.61 37.11 -26.86
CA HIS A 145 -10.92 36.98 -28.15
C HIS A 145 -11.47 35.84 -28.99
N ASP A 146 -12.16 34.91 -28.34
CA ASP A 146 -12.77 33.78 -29.01
C ASP A 146 -11.71 33.15 -29.89
N LEU A 147 -10.62 32.68 -29.27
CA LEU A 147 -9.50 32.08 -30.02
C LEU A 147 -9.76 30.75 -30.70
N ARG A 148 -9.18 30.60 -31.89
CA ARG A 148 -9.28 29.37 -32.67
C ARG A 148 -7.83 28.89 -32.79
N ILE A 149 -7.49 27.82 -32.05
CA ILE A 149 -6.13 27.28 -32.03
C ILE A 149 -5.99 25.84 -32.54
N LEU A 150 -5.00 25.61 -33.39
CA LEU A 150 -4.74 24.28 -33.91
C LEU A 150 -3.34 23.85 -33.48
N VAL A 151 -3.18 22.58 -33.12
CA VAL A 151 -1.88 22.06 -32.71
C VAL A 151 -1.42 20.97 -33.66
N ILE A 152 -0.36 21.25 -34.41
CA ILE A 152 0.18 20.28 -35.35
C ILE A 152 1.24 19.39 -34.66
N ASP A 153 1.02 18.08 -34.67
CA ASP A 153 1.95 17.13 -34.05
C ASP A 153 2.96 16.52 -35.01
N LEU A 154 4.21 16.98 -34.99
CA LEU A 154 5.26 16.45 -35.84
C LEU A 154 6.34 15.77 -34.97
N ASP A 155 5.90 15.09 -33.96
CA ASP A 155 6.73 14.35 -33.04
C ASP A 155 6.05 13.04 -32.82
N PRO A 156 6.76 11.94 -32.99
CA PRO A 156 6.06 10.66 -32.88
C PRO A 156 5.47 10.31 -31.48
N GLN A 157 4.87 11.28 -30.74
CA GLN A 157 4.32 10.85 -29.42
C GLN A 157 3.11 11.55 -28.70
N ALA A 158 3.40 12.59 -27.89
CA ALA A 158 2.50 13.27 -26.90
C ALA A 158 1.18 14.01 -27.20
N SER A 159 1.13 15.01 -28.07
CA SER A 159 -0.09 15.83 -28.23
C SER A 159 -1.39 15.10 -28.53
N SER A 160 -1.27 14.02 -29.28
CA SER A 160 -2.42 13.19 -29.64
C SER A 160 -3.22 12.67 -28.41
N THR A 161 -2.66 12.87 -27.22
CA THR A 161 -3.29 12.44 -25.96
C THR A 161 -4.70 12.99 -25.75
N MET A 162 -4.95 14.23 -26.20
CA MET A 162 -6.26 14.86 -26.04
C MET A 162 -7.13 14.64 -27.28
N PHE A 163 -8.15 13.80 -27.16
CA PHE A 163 -9.02 13.52 -28.30
C PHE A 163 -10.54 13.54 -28.02
N LEU A 164 -11.20 12.38 -28.19
CA LEU A 164 -12.63 12.27 -27.97
C LEU A 164 -13.03 13.04 -26.72
N GLU A 175 -5.01 9.53 -39.66
CA GLU A 175 -4.19 10.29 -40.60
C GLU A 175 -3.35 11.30 -39.83
N THR A 176 -2.05 11.04 -39.78
CA THR A 176 -1.10 11.86 -39.06
C THR A 176 -0.75 13.14 -39.84
N ALA A 177 -0.16 14.11 -39.15
CA ALA A 177 0.20 15.36 -39.82
C ALA A 177 1.21 15.06 -40.90
N ALA A 178 2.06 14.07 -40.65
CA ALA A 178 3.09 13.66 -41.62
C ALA A 178 2.41 13.16 -42.88
N GLN A 179 1.43 12.29 -42.73
CA GLN A 179 0.73 11.76 -43.89
C GLN A 179 0.02 12.83 -44.70
N ALA A 180 -0.66 13.73 -44.00
CA ALA A 180 -1.42 14.79 -44.63
C ALA A 180 -0.53 15.69 -45.50
N MET A 181 0.71 15.86 -45.04
CA MET A 181 1.67 16.69 -45.75
C MET A 181 2.03 16.07 -47.09
N LEU A 182 2.05 14.73 -47.11
CA LEU A 182 2.38 13.96 -48.31
C LEU A 182 1.14 13.75 -49.17
N ASN A 183 0.00 13.53 -48.53
CA ASN A 183 -1.25 13.35 -49.27
C ASN A 183 -1.66 14.61 -50.03
N ASN A 184 -1.04 15.74 -49.73
CA ASN A 184 -1.39 16.97 -50.41
C ASN A 184 -2.91 17.14 -50.47
N LEU A 185 -3.55 17.30 -49.33
CA LEU A 185 -4.99 17.47 -49.27
C LEU A 185 -5.47 18.92 -49.37
N ASP A 186 -6.75 19.09 -49.69
CA ASP A 186 -7.31 20.43 -49.79
C ASP A 186 -7.97 20.81 -48.47
N ALA A 187 -8.20 22.10 -48.28
CA ALA A 187 -8.79 22.59 -47.06
C ALA A 187 -10.04 21.85 -46.58
N GLU A 188 -10.91 21.44 -47.50
CA GLU A 188 -12.14 20.78 -47.11
C GLU A 188 -11.86 19.42 -46.50
N THR A 189 -10.85 18.74 -47.03
CA THR A 189 -10.49 17.43 -46.52
C THR A 189 -9.81 17.59 -45.18
N LEU A 190 -8.90 18.57 -45.08
CA LEU A 190 -8.19 18.83 -43.83
C LEU A 190 -9.16 19.20 -42.72
N ARG A 191 -10.11 20.06 -43.06
CA ARG A 191 -11.11 20.50 -42.12
C ARG A 191 -11.96 19.35 -41.64
N LYS A 192 -12.52 18.59 -42.59
CA LYS A 192 -13.42 17.51 -42.23
C LYS A 192 -12.86 16.10 -42.07
N GLU A 193 -11.57 15.91 -42.30
CA GLU A 193 -11.03 14.57 -42.17
C GLU A 193 -9.72 14.43 -41.40
N VAL A 194 -8.79 15.35 -41.53
CA VAL A 194 -7.51 15.22 -40.83
C VAL A 194 -7.50 15.92 -39.47
N ILE A 195 -7.93 17.18 -39.43
CA ILE A 195 -7.97 17.93 -38.17
C ILE A 195 -9.01 17.33 -37.21
N ARG A 196 -8.54 16.91 -36.04
CA ARG A 196 -9.43 16.31 -35.06
C ARG A 196 -9.69 17.25 -33.87
N PRO A 197 -10.87 17.12 -33.26
CA PRO A 197 -11.28 17.93 -32.12
C PRO A 197 -10.75 17.48 -30.77
N THR A 198 -10.30 18.44 -30.00
CA THR A 198 -9.77 18.19 -28.68
C THR A 198 -10.91 18.19 -27.63
N ILE A 199 -10.57 18.02 -26.36
CA ILE A 199 -11.64 18.04 -25.35
C ILE A 199 -12.24 19.43 -25.23
N VAL A 200 -11.46 20.46 -25.55
CA VAL A 200 -11.91 21.87 -25.50
C VAL A 200 -12.31 22.32 -26.92
N PRO A 201 -13.60 22.62 -27.13
CA PRO A 201 -14.10 23.04 -28.43
C PRO A 201 -13.33 24.07 -29.26
N GLY A 202 -12.55 24.92 -28.61
CA GLY A 202 -11.81 25.88 -29.44
C GLY A 202 -10.47 25.43 -29.99
N VAL A 203 -9.92 24.35 -29.47
CA VAL A 203 -8.61 23.82 -29.85
C VAL A 203 -8.69 22.53 -30.66
N ASP A 204 -8.03 22.50 -31.81
CA ASP A 204 -8.01 21.30 -32.66
C ASP A 204 -6.60 20.74 -32.78
N VAL A 205 -6.51 19.43 -33.01
CA VAL A 205 -5.21 18.77 -33.13
C VAL A 205 -5.05 17.94 -34.38
N ILE A 206 -3.86 17.98 -34.97
CA ILE A 206 -3.56 17.12 -36.10
C ILE A 206 -2.52 16.21 -35.46
N PRO A 207 -2.92 14.96 -35.16
CA PRO A 207 -2.10 13.92 -34.52
C PRO A 207 -0.82 13.38 -35.18
N ALA A 208 0.02 12.78 -34.34
CA ALA A 208 1.26 12.13 -34.76
C ALA A 208 1.22 10.64 -34.41
N SER A 209 2.18 9.89 -34.95
CA SER A 209 2.29 8.44 -34.73
C SER A 209 3.72 7.97 -34.74
N ILE A 210 3.96 6.75 -34.26
CA ILE A 210 5.31 6.17 -34.24
C ILE A 210 5.76 6.06 -35.69
N ASP A 211 4.79 5.65 -36.51
CA ASP A 211 4.97 5.46 -37.94
C ASP A 211 5.47 6.67 -38.67
N ASP A 212 5.48 7.84 -38.02
CA ASP A 212 5.99 9.03 -38.68
C ASP A 212 7.50 8.93 -38.72
N GLY A 213 8.04 7.98 -37.97
CA GLY A 213 9.47 7.81 -37.96
C GLY A 213 9.99 7.36 -39.32
N PHE A 214 9.22 6.50 -39.98
CA PHE A 214 9.60 6.01 -41.30
C PHE A 214 9.53 7.12 -42.35
N VAL A 215 8.55 8.01 -42.21
CA VAL A 215 8.36 9.13 -43.12
C VAL A 215 9.45 10.17 -42.91
N ALA A 216 9.69 10.51 -41.65
CA ALA A 216 10.72 11.49 -41.34
C ALA A 216 12.05 11.00 -41.91
N SER A 217 12.26 9.68 -41.88
CA SER A 217 13.49 9.04 -42.35
C SER A 217 13.71 9.11 -43.84
N GLN A 218 12.67 8.78 -44.60
CA GLN A 218 12.73 8.81 -46.05
C GLN A 218 11.95 10.04 -46.60
N TRP A 219 12.16 11.19 -45.97
CA TRP A 219 11.44 12.41 -46.37
C TRP A 219 11.71 12.90 -47.79
N ARG A 220 12.91 13.42 -48.04
CA ARG A 220 13.24 13.93 -49.38
C ARG A 220 12.86 12.96 -50.48
N GLU A 221 13.18 11.69 -50.27
CA GLU A 221 12.87 10.65 -51.23
C GLU A 221 11.37 10.62 -51.47
N LEU A 222 10.59 10.44 -50.40
CA LEU A 222 9.13 10.40 -50.49
C LEU A 222 8.57 11.70 -51.10
N VAL A 223 9.22 12.83 -50.79
CA VAL A 223 8.79 14.12 -51.29
C VAL A 223 8.91 14.11 -52.78
N GLU A 224 10.09 13.76 -53.26
CA GLU A 224 10.35 13.71 -54.68
C GLU A 224 9.43 12.78 -55.45
N GLU A 225 8.94 11.74 -54.78
CA GLU A 225 8.06 10.79 -55.42
C GLU A 225 6.57 11.16 -55.38
N HIS A 226 6.13 11.78 -54.30
CA HIS A 226 4.71 12.15 -54.19
C HIS A 226 4.40 13.62 -54.35
N LEU A 227 5.38 14.48 -54.09
CA LEU A 227 5.15 15.91 -54.20
C LEU A 227 6.16 16.54 -55.15
N PRO A 228 6.19 16.08 -56.41
CA PRO A 228 7.12 16.60 -57.42
C PRO A 228 7.13 18.11 -57.59
N GLY A 229 8.32 18.70 -57.58
CA GLY A 229 8.42 20.13 -57.78
C GLY A 229 8.20 21.01 -56.56
N GLN A 230 7.81 20.39 -55.46
CA GLN A 230 7.59 21.10 -54.19
C GLN A 230 8.88 21.06 -53.37
N ASN A 231 9.21 22.18 -52.72
CA ASN A 231 10.40 22.26 -51.88
C ASN A 231 10.18 21.40 -50.61
N GLN A 232 11.15 20.54 -50.29
CA GLN A 232 11.05 19.66 -49.12
C GLN A 232 10.91 20.33 -47.75
N TYR A 233 11.18 21.62 -47.66
CA TYR A 233 11.05 22.34 -46.39
C TYR A 233 9.88 23.36 -46.37
N GLU A 234 9.11 23.44 -47.46
CA GLU A 234 7.99 24.36 -47.47
C GLU A 234 6.73 23.56 -47.44
N ILE A 235 6.88 22.26 -47.27
CA ILE A 235 5.70 21.39 -47.27
C ILE A 235 4.73 21.52 -46.10
N LEU A 236 5.22 21.91 -44.92
CA LEU A 236 4.35 22.11 -43.76
C LEU A 236 3.50 23.33 -44.06
N ARG A 237 4.13 24.40 -44.53
CA ARG A 237 3.45 25.65 -44.87
C ARG A 237 2.48 25.46 -46.02
N ARG A 238 3.00 24.87 -47.10
CA ARG A 238 2.26 24.63 -48.33
C ARG A 238 1.01 23.80 -48.17
N ASN A 239 1.18 22.59 -47.65
CA ASN A 239 0.09 21.65 -47.56
C ASN A 239 -0.78 21.65 -46.32
N ILE A 240 -0.42 22.43 -45.31
CA ILE A 240 -1.33 22.48 -44.16
C ILE A 240 -1.60 23.94 -43.72
N ILE A 241 -0.62 24.60 -43.13
CA ILE A 241 -0.77 25.98 -42.69
C ILE A 241 -1.58 26.82 -43.68
N ASP A 242 -1.07 26.96 -44.91
CA ASP A 242 -1.74 27.78 -45.93
C ASP A 242 -3.13 27.33 -46.26
N ARG A 243 -3.46 26.06 -46.07
CA ARG A 243 -4.81 25.60 -46.40
C ARG A 243 -5.78 25.67 -45.25
N VAL A 244 -5.27 26.02 -44.08
CA VAL A 244 -6.13 26.14 -42.90
C VAL A 244 -5.88 27.53 -42.35
N ALA A 245 -5.29 28.39 -43.16
CA ALA A 245 -4.96 29.76 -42.75
C ALA A 245 -6.09 30.65 -42.25
N ASP A 246 -7.28 30.59 -42.84
CA ASP A 246 -8.32 31.48 -42.33
C ASP A 246 -9.08 30.83 -41.20
N ASP A 247 -8.66 29.65 -40.80
CA ASP A 247 -9.40 28.95 -39.77
C ASP A 247 -8.87 29.03 -38.35
N TYR A 248 -7.64 29.51 -38.20
CA TYR A 248 -7.06 29.55 -36.87
C TYR A 248 -6.24 30.81 -36.59
N ASP A 249 -6.39 31.30 -35.36
CA ASP A 249 -5.66 32.49 -34.93
C ASP A 249 -4.20 32.14 -34.64
N PHE A 250 -4.03 31.05 -33.89
CA PHE A 250 -2.73 30.53 -33.51
C PHE A 250 -2.59 29.10 -34.01
N ILE A 251 -1.39 28.77 -34.42
CA ILE A 251 -1.12 27.43 -34.85
C ILE A 251 0.18 27.01 -34.19
N PHE A 252 0.11 26.07 -33.25
CA PHE A 252 1.33 25.57 -32.57
C PHE A 252 1.86 24.33 -33.28
N ILE A 253 3.17 24.31 -33.52
CA ILE A 253 3.86 23.19 -34.18
C ILE A 253 4.61 22.38 -33.10
N ASP A 254 4.30 21.11 -32.93
CA ASP A 254 4.99 20.28 -31.91
C ASP A 254 5.90 19.26 -32.61
N THR A 255 7.19 19.30 -32.33
CA THR A 255 8.14 18.37 -32.96
C THR A 255 9.13 17.84 -31.92
N GLY A 256 9.86 16.80 -32.32
CA GLY A 256 10.87 16.24 -31.44
C GLY A 256 12.11 17.09 -31.54
N PRO A 257 13.17 16.78 -30.79
CA PRO A 257 14.45 17.51 -30.80
C PRO A 257 15.31 17.02 -31.97
N HIS A 258 15.36 15.70 -31.98
CA HIS A 258 16.08 14.85 -32.88
C HIS A 258 15.85 14.96 -34.39
N LEU A 259 14.56 15.03 -34.70
CA LEU A 259 14.11 15.06 -36.09
C LEU A 259 14.72 16.23 -36.80
N ASP A 260 14.82 16.18 -38.13
CA ASP A 260 15.38 17.31 -38.81
C ASP A 260 14.51 17.73 -39.97
N PRO A 261 14.05 16.78 -40.81
CA PRO A 261 13.20 17.28 -41.88
C PRO A 261 11.92 17.87 -41.25
N PHE A 262 11.23 17.09 -40.42
CA PHE A 262 10.03 17.58 -39.74
C PHE A 262 10.37 18.82 -38.89
N LEU A 263 11.56 18.85 -38.30
CA LEU A 263 11.97 19.98 -37.43
C LEU A 263 12.31 21.22 -38.28
N LEU A 264 12.75 20.98 -39.50
CA LEU A 264 13.09 22.07 -40.39
C LEU A 264 11.82 22.66 -41.01
N ASN A 265 10.83 21.81 -41.21
CA ASN A 265 9.58 22.26 -41.77
C ASN A 265 8.94 23.22 -40.76
N GLY A 266 9.07 22.90 -39.48
CA GLY A 266 8.50 23.76 -38.47
C GLY A 266 9.21 25.11 -38.40
N LEU A 267 10.51 25.09 -38.52
CA LEU A 267 11.27 26.32 -38.46
C LEU A 267 11.06 27.22 -39.65
N ALA A 268 10.62 26.66 -40.76
CA ALA A 268 10.44 27.46 -41.97
C ALA A 268 9.03 27.99 -42.10
N ALA A 269 8.11 27.38 -41.37
CA ALA A 269 6.71 27.76 -41.42
C ALA A 269 6.23 28.55 -40.21
N SER A 270 7.11 28.73 -39.22
CA SER A 270 6.73 29.45 -38.01
C SER A 270 7.13 30.92 -37.97
N ASP A 271 6.38 31.70 -37.19
CA ASP A 271 6.63 33.12 -37.04
C ASP A 271 7.38 33.41 -35.75
N LEU A 272 7.06 32.63 -34.73
CA LEU A 272 7.66 32.78 -33.43
C LEU A 272 8.16 31.48 -32.80
N LEU A 273 9.38 31.56 -32.28
CA LEU A 273 10.01 30.44 -31.61
C LEU A 273 9.65 30.60 -30.13
N LEU A 274 9.05 29.56 -29.54
CA LEU A 274 8.65 29.58 -28.12
C LEU A 274 9.53 28.54 -27.42
N THR A 275 10.48 29.01 -26.63
CA THR A 275 11.39 28.10 -25.95
C THR A 275 11.18 28.02 -24.46
N PRO A 276 10.69 26.88 -23.98
CA PRO A 276 10.47 26.70 -22.54
C PRO A 276 11.82 26.22 -21.97
N THR A 277 12.30 26.89 -20.93
CA THR A 277 13.61 26.58 -20.31
C THR A 277 13.48 25.97 -18.93
N PRO A 278 13.91 24.70 -18.77
CA PRO A 278 13.87 23.93 -17.53
C PRO A 278 14.81 24.41 -16.41
N PRO A 279 14.32 24.42 -15.17
CA PRO A 279 15.07 24.84 -13.98
C PRO A 279 16.32 23.99 -13.59
N ALA A 280 16.21 22.67 -13.73
CA ALA A 280 17.32 21.77 -13.42
C ALA A 280 18.62 22.17 -14.13
N GLN A 281 19.68 22.44 -13.38
CA GLN A 281 20.97 22.81 -13.97
C GLN A 281 21.41 21.76 -15.00
N VAL A 282 20.80 20.58 -14.91
CA VAL A 282 21.11 19.50 -15.83
C VAL A 282 20.50 19.77 -17.20
N ASP A 283 19.20 20.09 -17.20
CA ASP A 283 18.44 20.36 -18.43
C ASP A 283 18.71 21.72 -19.01
N PHE A 284 19.02 22.68 -18.14
CA PHE A 284 19.31 24.03 -18.58
C PHE A 284 20.45 24.02 -19.60
N HIS A 285 21.37 23.07 -19.48
CA HIS A 285 22.49 23.00 -20.41
C HIS A 285 22.08 22.36 -21.72
N SER A 286 21.13 21.43 -21.67
CA SER A 286 20.63 20.75 -22.86
C SER A 286 20.01 21.81 -23.76
N THR A 287 19.13 22.61 -23.15
CA THR A 287 18.46 23.68 -23.87
C THR A 287 19.51 24.62 -24.44
N LEU A 288 20.47 25.03 -23.62
CA LEU A 288 21.53 25.92 -24.06
C LEU A 288 22.27 25.37 -25.28
N LYS A 289 22.58 24.08 -25.26
CA LYS A 289 23.25 23.47 -26.39
C LYS A 289 22.31 23.47 -27.60
N TYR A 290 21.04 23.14 -27.35
CA TYR A 290 20.07 23.14 -28.43
C TYR A 290 20.01 24.51 -29.07
N LEU A 291 19.74 25.52 -28.26
CA LEU A 291 19.67 26.87 -28.80
C LEU A 291 20.94 27.24 -29.52
N THR A 292 22.06 26.68 -29.09
CA THR A 292 23.30 27.08 -29.74
C THR A 292 23.44 26.53 -31.14
N ARG A 293 22.55 25.60 -31.48
CA ARG A 293 22.56 24.95 -32.79
C ARG A 293 21.51 25.39 -33.79
N LEU A 294 20.58 26.27 -33.40
CA LEU A 294 19.55 26.69 -34.33
C LEU A 294 20.11 27.43 -35.53
N PRO A 295 21.11 28.28 -35.31
CA PRO A 295 21.57 28.95 -36.53
C PRO A 295 21.91 28.00 -37.68
N GLU A 296 22.67 26.95 -37.40
CA GLU A 296 23.06 26.00 -38.45
C GLU A 296 21.83 25.41 -39.10
N MET A 297 20.79 25.20 -38.31
CA MET A 297 19.54 24.66 -38.81
C MET A 297 18.84 25.64 -39.76
N LEU A 298 18.94 26.93 -39.49
CA LEU A 298 18.30 27.88 -40.38
C LEU A 298 19.08 27.89 -41.69
N GLU A 299 20.40 27.79 -41.61
CA GLU A 299 21.22 27.80 -42.82
C GLU A 299 20.84 26.68 -43.79
N GLN A 300 20.41 25.53 -43.28
CA GLN A 300 20.02 24.45 -44.18
C GLN A 300 18.79 24.87 -45.00
N LEU A 301 17.93 25.69 -44.41
CA LEU A 301 16.77 26.18 -45.12
C LEU A 301 17.34 27.11 -46.19
N GLU A 302 18.11 28.10 -45.74
CA GLU A 302 18.75 29.05 -46.65
C GLU A 302 19.40 28.32 -47.84
N GLU A 303 20.03 27.19 -47.58
CA GLU A 303 20.67 26.45 -48.65
C GLU A 303 19.67 25.89 -49.63
N GLU A 304 18.48 25.54 -49.15
CA GLU A 304 17.43 25.00 -50.01
C GLU A 304 16.70 26.15 -50.73
N GLY A 305 17.14 27.38 -50.49
CA GLY A 305 16.52 28.53 -51.13
C GLY A 305 15.22 28.96 -50.48
N VAL A 306 14.98 28.54 -49.23
CA VAL A 306 13.75 28.90 -48.52
C VAL A 306 14.01 29.88 -47.36
N GLU A 307 13.22 30.96 -47.30
CA GLU A 307 13.33 31.99 -46.27
C GLU A 307 12.57 31.59 -45.00
N PRO A 308 13.24 31.56 -43.84
CA PRO A 308 12.45 31.16 -42.68
C PRO A 308 11.51 32.28 -42.23
N ARG A 309 10.30 31.95 -41.79
CA ARG A 309 9.35 32.99 -41.38
C ARG A 309 9.64 33.56 -39.98
N LEU A 310 10.60 32.97 -39.30
CA LEU A 310 10.92 33.39 -37.96
C LEU A 310 11.12 34.88 -37.83
N SER A 311 10.37 35.46 -36.90
CA SER A 311 10.50 36.87 -36.65
C SER A 311 10.42 37.27 -35.19
N ALA A 312 10.42 36.30 -34.29
CA ALA A 312 10.32 36.65 -32.87
C ALA A 312 10.50 35.39 -32.07
N SER A 313 11.06 35.54 -30.89
CA SER A 313 11.30 34.42 -29.99
C SER A 313 10.92 34.79 -28.55
N ILE A 314 10.58 33.79 -27.75
CA ILE A 314 10.17 33.99 -26.36
C ILE A 314 10.69 32.79 -25.56
N GLY A 315 11.23 33.07 -24.37
CA GLY A 315 11.72 31.99 -23.52
C GLY A 315 11.28 32.20 -22.10
N PHE A 316 10.87 31.13 -21.42
CA PHE A 316 10.49 31.30 -20.03
C PHE A 316 11.10 30.23 -19.10
N MET A 317 10.72 30.37 -17.82
CA MET A 317 11.16 29.42 -16.80
C MET A 317 9.96 28.58 -16.24
N SER A 318 10.27 27.49 -15.54
CA SER A 318 9.23 26.59 -15.01
C SER A 318 9.66 26.03 -13.61
N LYS A 319 8.75 25.30 -12.95
CA LYS A 319 9.02 24.70 -11.62
C LYS A 319 8.78 25.71 -10.49
N LYS A 323 16.27 23.28 -5.43
CA LYS A 323 15.91 24.69 -5.35
C LYS A 323 17.09 25.60 -5.72
N ARG A 324 18.30 25.07 -5.61
CA ARG A 324 19.51 25.84 -5.94
C ARG A 324 19.56 26.15 -7.43
N ASP A 325 19.29 25.13 -8.25
CA ASP A 325 19.31 25.25 -9.71
C ASP A 325 18.29 26.30 -10.19
N HIS A 326 17.02 26.05 -9.88
CA HIS A 326 15.90 26.91 -10.25
C HIS A 326 16.22 28.39 -10.04
N GLU A 327 16.46 28.75 -8.78
CA GLU A 327 16.78 30.12 -8.40
C GLU A 327 17.97 30.70 -9.15
N THR A 328 18.90 29.84 -9.56
CA THR A 328 20.11 30.25 -10.27
C THR A 328 19.88 30.28 -11.78
N SER A 329 19.05 29.37 -12.27
CA SER A 329 18.74 29.28 -13.69
C SER A 329 17.96 30.51 -14.18
N HIS A 330 16.94 30.90 -13.42
CA HIS A 330 16.09 32.04 -13.77
C HIS A 330 16.92 33.30 -14.03
N SER A 331 17.90 33.53 -13.16
CA SER A 331 18.78 34.69 -13.27
C SER A 331 19.78 34.55 -14.41
N LEU A 332 19.89 33.32 -14.93
CA LEU A 332 20.79 33.03 -16.03
C LEU A 332 20.07 33.24 -17.35
N ALA A 333 18.83 32.77 -17.40
CA ALA A 333 18.01 32.91 -18.60
C ALA A 333 17.91 34.36 -19.01
N ARG A 334 17.91 35.27 -18.05
CA ARG A 334 17.84 36.70 -18.36
C ARG A 334 19.06 37.10 -19.21
N GLU A 335 20.19 36.49 -18.89
CA GLU A 335 21.47 36.75 -19.57
C GLU A 335 21.41 36.37 -21.05
N VAL A 336 20.86 35.20 -21.35
CA VAL A 336 20.77 34.72 -22.74
C VAL A 336 19.55 35.19 -23.51
N TYR A 337 18.37 35.13 -22.91
CA TYR A 337 17.15 35.58 -23.59
C TYR A 337 17.01 37.09 -23.62
N ALA A 338 17.68 37.78 -22.69
CA ALA A 338 17.62 39.23 -22.64
C ALA A 338 16.17 39.69 -22.44
N SER A 339 15.64 40.44 -23.41
CA SER A 339 14.28 40.94 -23.30
C SER A 339 13.21 39.95 -23.74
N ASN A 340 13.60 38.73 -24.11
CA ASN A 340 12.62 37.74 -24.54
C ASN A 340 12.48 36.62 -23.53
N ILE A 341 12.33 37.01 -22.27
CA ILE A 341 12.19 36.04 -21.19
C ILE A 341 10.87 36.28 -20.45
N LEU A 342 10.35 35.23 -19.82
CA LEU A 342 9.11 35.36 -19.06
C LEU A 342 9.11 34.63 -17.71
N ASP A 343 8.02 34.79 -16.98
CA ASP A 343 7.84 34.19 -15.65
C ASP A 343 6.80 33.09 -15.60
N SER A 344 6.98 32.18 -14.63
CA SER A 344 6.09 31.07 -14.29
C SER A 344 6.54 29.85 -13.48
N SER A 345 5.59 28.92 -13.35
CA SER A 345 5.72 27.69 -12.56
C SER A 345 5.80 26.32 -13.23
N GLU A 375 -2.18 25.73 -2.12
CA GLU A 375 -0.80 25.67 -2.59
C GLU A 375 -0.74 25.21 -4.03
N ALA A 376 -1.43 24.09 -4.28
CA ALA A 376 -1.48 23.46 -5.60
C ALA A 376 -2.64 23.88 -6.49
N LEU A 377 -3.87 23.87 -5.97
CA LEU A 377 -4.95 24.30 -6.84
C LEU A 377 -5.16 25.80 -6.74
N LYS A 378 -5.42 26.29 -5.53
CA LYS A 378 -5.64 27.72 -5.37
C LYS A 378 -4.39 28.42 -5.91
N LYS A 379 -3.35 28.43 -5.08
CA LYS A 379 -2.09 29.06 -5.42
C LYS A 379 -1.49 28.72 -6.79
N ALA A 380 -1.21 27.45 -7.07
CA ALA A 380 -0.62 27.11 -8.36
C ALA A 380 -1.53 27.48 -9.53
N ARG A 381 -2.75 26.91 -9.58
CA ARG A 381 -3.68 27.23 -10.68
C ARG A 381 -3.58 28.72 -11.00
N THR A 382 -3.57 29.55 -9.96
CA THR A 382 -3.47 30.97 -10.15
C THR A 382 -2.16 31.32 -10.85
N GLU A 383 -1.05 30.85 -10.28
CA GLU A 383 0.28 31.12 -10.82
C GLU A 383 0.34 30.73 -12.31
N ALA A 384 -0.30 29.62 -12.64
CA ALA A 384 -0.36 29.15 -14.01
C ALA A 384 -1.12 30.16 -14.87
N GLU A 385 -2.34 30.50 -14.44
CA GLU A 385 -3.18 31.47 -15.14
C GLU A 385 -2.41 32.73 -15.49
N ARG A 386 -1.67 33.26 -14.51
CA ARG A 386 -0.89 34.46 -14.68
C ARG A 386 0.15 34.31 -15.78
N PHE A 387 0.67 33.08 -15.92
CA PHE A 387 1.69 32.76 -16.92
C PHE A 387 1.10 32.80 -18.31
N THR A 388 -0.05 32.14 -18.44
CA THR A 388 -0.80 32.07 -19.69
C THR A 388 -1.04 33.49 -20.23
N LYS A 389 -1.70 34.32 -19.44
CA LYS A 389 -1.99 35.68 -19.87
C LYS A 389 -0.71 36.44 -20.13
N ALA A 390 0.39 35.95 -19.55
CA ALA A 390 1.68 36.57 -19.75
C ALA A 390 2.14 36.22 -21.16
N VAL A 391 2.01 34.95 -21.50
CA VAL A 391 2.39 34.45 -22.82
C VAL A 391 1.56 35.12 -23.91
N PHE A 392 0.27 35.26 -23.65
CA PHE A 392 -0.58 35.89 -24.64
C PHE A 392 -0.11 37.32 -24.85
N ASP A 393 0.06 38.08 -23.76
CA ASP A 393 0.48 39.48 -23.85
C ASP A 393 1.81 39.70 -24.60
N ARG A 394 2.72 38.76 -24.46
CA ARG A 394 4.01 38.80 -25.15
C ARG A 394 3.83 38.58 -26.64
N ILE A 395 2.91 37.69 -27.01
CA ILE A 395 2.67 37.44 -28.41
C ILE A 395 2.07 38.70 -28.99
N GLU A 396 1.10 39.27 -28.28
CA GLU A 396 0.49 40.49 -28.72
C GLU A 396 1.56 41.56 -28.83
N PHE A 397 2.47 41.56 -27.86
CA PHE A 397 3.56 42.52 -27.85
C PHE A 397 4.44 42.44 -29.06
N VAL A 398 4.91 41.24 -29.37
CA VAL A 398 5.80 41.05 -30.51
C VAL A 398 5.13 41.08 -31.87
N ARG A 399 3.80 41.05 -31.88
CA ARG A 399 3.02 41.03 -33.11
C ARG A 399 2.74 42.35 -33.78
N GLY A 400 1.57 42.89 -33.51
CA GLY A 400 1.14 44.14 -34.14
C GLY A 400 1.85 45.37 -33.63
N GLU A 401 3.16 45.26 -33.50
CA GLU A 401 3.95 46.36 -32.99
C GLU A 401 5.23 46.55 -33.79
N MET B 3 -22.31 1.18 67.04
CA MET B 3 -21.39 2.34 67.68
C MET B 3 -20.32 2.32 68.93
N LYS B 4 -19.15 1.62 69.11
CA LYS B 4 -18.41 1.89 70.46
C LYS B 4 -16.86 1.70 70.55
N ARG B 5 -16.39 0.82 71.45
CA ARG B 5 -14.93 0.55 71.61
C ARG B 5 -14.46 -0.34 70.46
N ASP B 6 -14.30 -1.65 70.70
CA ASP B 6 -13.87 -2.56 69.64
C ASP B 6 -15.09 -3.20 69.01
N TYR B 7 -16.24 -2.84 69.57
CA TYR B 7 -17.52 -3.22 69.09
C TYR B 7 -17.90 -2.06 68.18
N GLY B 8 -17.00 -1.09 68.16
CA GLY B 8 -17.10 0.08 67.34
C GLY B 8 -15.99 -0.07 66.32
N GLY B 9 -15.01 -0.89 66.72
CA GLY B 9 -13.83 -1.15 65.90
C GLY B 9 -14.03 -2.34 64.96
N VAL B 10 -14.86 -3.30 65.36
CA VAL B 10 -15.16 -4.44 64.50
C VAL B 10 -15.90 -3.83 63.33
N GLY B 11 -16.33 -2.59 63.48
CA GLY B 11 -17.01 -1.92 62.38
C GLY B 11 -15.94 -1.56 61.38
N THR B 12 -14.77 -1.19 61.89
CA THR B 12 -13.63 -0.82 61.07
C THR B 12 -13.08 -2.08 60.37
N ILE B 13 -12.84 -3.13 61.15
CA ILE B 13 -12.34 -4.40 60.59
C ILE B 13 -13.33 -4.91 59.55
N ALA B 14 -14.54 -4.35 59.53
CA ALA B 14 -15.55 -4.77 58.58
C ALA B 14 -15.47 -3.94 57.30
N LEU B 15 -15.04 -2.69 57.44
CA LEU B 15 -14.90 -1.81 56.29
C LEU B 15 -13.76 -2.27 55.40
N ARG B 16 -12.57 -2.37 55.97
CA ARG B 16 -11.40 -2.81 55.22
C ARG B 16 -11.57 -4.23 54.71
N ALA B 17 -12.48 -4.98 55.34
CA ALA B 17 -12.73 -6.35 54.93
C ALA B 17 -13.59 -6.36 53.68
N SER B 18 -14.19 -5.21 53.37
CA SER B 18 -15.03 -5.10 52.19
C SER B 18 -14.29 -4.26 51.15
N ALA B 19 -13.41 -3.40 51.62
CA ALA B 19 -12.63 -2.55 50.74
C ALA B 19 -11.69 -3.42 49.92
N LEU B 20 -11.09 -4.41 50.57
CA LEU B 20 -10.18 -5.33 49.91
C LEU B 20 -10.98 -6.09 48.85
N LEU B 21 -12.26 -6.31 49.15
CA LEU B 21 -13.16 -7.02 48.25
C LEU B 21 -13.54 -6.20 47.01
N LYS B 22 -13.05 -4.97 46.94
CA LYS B 22 -13.32 -4.11 45.79
C LYS B 22 -12.11 -4.23 44.87
N ALA B 23 -11.10 -4.95 45.36
CA ALA B 23 -9.86 -5.16 44.61
C ALA B 23 -9.92 -6.44 43.77
N MET B 24 -10.98 -7.23 43.95
CA MET B 24 -11.12 -8.46 43.16
C MET B 24 -11.38 -8.04 41.71
N SER B 25 -12.09 -6.93 41.56
CA SER B 25 -12.43 -6.39 40.25
C SER B 25 -11.42 -5.31 39.84
N GLN B 26 -10.99 -4.49 40.79
CA GLN B 26 -10.04 -3.41 40.52
C GLN B 26 -8.65 -3.90 40.10
N ASP B 27 -8.16 -4.97 40.73
CA ASP B 27 -6.82 -5.46 40.42
C ASP B 27 -6.68 -6.68 39.51
N ILE B 28 -7.36 -7.78 39.80
CA ILE B 28 -7.24 -8.97 38.96
C ILE B 28 -7.67 -8.70 37.51
N GLU B 29 -8.57 -7.73 37.32
CA GLU B 29 -9.08 -7.38 36.00
C GLU B 29 -8.19 -6.36 35.29
N ASP B 30 -7.15 -5.91 35.97
CA ASP B 30 -6.25 -4.90 35.41
C ASP B 30 -4.76 -5.26 35.49
N GLN B 31 -4.40 -6.11 36.46
CA GLN B 31 -3.01 -6.52 36.65
C GLN B 31 -2.45 -7.25 35.44
N ARG B 32 -3.33 -7.87 34.65
CA ARG B 32 -2.92 -8.60 33.44
C ARG B 32 -2.94 -7.72 32.18
N LYS B 33 -3.29 -6.45 32.36
CA LYS B 33 -3.34 -5.47 31.26
C LYS B 33 -2.09 -4.59 31.29
N GLU B 34 -1.09 -5.04 32.03
CA GLU B 34 0.18 -4.33 32.19
C GLU B 34 1.33 -5.32 32.03
N PHE B 35 0.98 -6.61 31.94
CA PHE B 35 1.96 -7.69 31.79
C PHE B 35 1.81 -8.40 30.43
N ASN B 36 1.15 -7.74 29.48
CA ASN B 36 0.95 -8.31 28.15
C ASN B 36 2.27 -8.31 27.37
N TYR B 41 7.34 -7.48 26.77
CA TYR B 41 8.22 -6.87 25.77
C TYR B 41 9.63 -6.68 26.39
N GLN B 42 10.08 -7.73 27.05
CA GLN B 42 11.40 -7.63 27.68
C GLN B 42 12.34 -7.49 26.52
N THR B 43 13.27 -6.58 26.66
CA THR B 43 14.24 -6.30 25.61
C THR B 43 15.54 -6.67 26.26
N PHE B 44 16.58 -6.87 25.46
CA PHE B 44 17.84 -7.25 26.03
C PHE B 44 18.93 -6.31 25.58
N THR B 45 19.96 -6.24 26.40
CA THR B 45 21.14 -5.45 26.10
C THR B 45 22.11 -6.50 25.56
N ARG B 46 23.04 -6.10 24.71
CA ARG B 46 24.01 -7.07 24.18
C ARG B 46 24.77 -7.75 25.33
N ASN B 47 24.97 -7.02 26.42
CA ASN B 47 25.65 -7.56 27.58
C ASN B 47 24.82 -8.72 28.15
N ALA B 48 23.51 -8.57 28.07
CA ALA B 48 22.60 -9.60 28.59
C ALA B 48 22.52 -10.77 27.62
N VAL B 49 22.53 -10.46 26.32
CA VAL B 49 22.46 -11.46 25.26
C VAL B 49 23.69 -12.35 25.27
N ALA B 50 24.85 -11.73 25.50
CA ALA B 50 26.11 -12.45 25.55
C ALA B 50 26.18 -13.36 26.76
N LYS B 51 25.14 -13.32 27.60
CA LYS B 51 25.08 -14.16 28.79
C LYS B 51 24.23 -15.37 28.44
N LEU B 52 23.46 -15.24 27.38
CA LEU B 52 22.59 -16.32 26.92
C LEU B 52 23.38 -17.55 26.47
N PRO B 53 22.91 -18.74 26.83
CA PRO B 53 23.53 -20.03 26.49
C PRO B 53 24.00 -20.09 25.04
N LYS B 54 25.03 -20.91 24.78
CA LYS B 54 25.58 -21.10 23.42
C LYS B 54 26.26 -19.83 22.93
N LEU B 55 25.80 -18.69 23.42
CA LEU B 55 26.31 -17.39 23.03
C LEU B 55 27.45 -16.88 23.90
N SER B 56 28.09 -15.82 23.40
CA SER B 56 29.20 -15.18 24.11
C SER B 56 29.37 -13.74 23.65
N ARG B 57 29.96 -12.93 24.52
CA ARG B 57 30.24 -11.53 24.25
C ARG B 57 30.77 -11.37 22.82
N ARG B 58 31.92 -11.99 22.56
CA ARG B 58 32.55 -11.93 21.26
C ARG B 58 31.59 -12.40 20.14
N ILE B 59 30.78 -13.42 20.44
CA ILE B 59 29.85 -13.98 19.46
C ILE B 59 28.80 -12.97 19.06
N VAL B 60 28.12 -12.42 20.06
CA VAL B 60 27.06 -11.45 19.85
C VAL B 60 27.52 -10.29 19.01
N ASP B 61 28.78 -9.91 19.16
CA ASP B 61 29.32 -8.79 18.40
C ASP B 61 29.46 -9.13 16.90
N GLN B 62 30.22 -10.18 16.58
CA GLN B 62 30.42 -10.56 15.18
C GLN B 62 29.09 -10.92 14.50
N ALA B 63 28.13 -11.34 15.32
CA ALA B 63 26.82 -11.72 14.86
C ALA B 63 26.00 -10.49 14.47
N ILE B 64 25.79 -9.59 15.42
CA ILE B 64 25.01 -8.37 15.20
C ILE B 64 25.40 -7.60 13.96
N LYS B 65 26.67 -7.25 13.85
CA LYS B 65 27.15 -6.49 12.72
C LYS B 65 27.15 -7.23 11.38
N GLU B 66 27.37 -8.53 11.41
CA GLU B 66 27.37 -9.27 10.15
C GLU B 66 25.92 -9.36 9.67
N MET B 67 24.99 -9.33 10.62
CA MET B 67 23.57 -9.39 10.30
C MET B 67 23.16 -7.96 9.93
N GLU B 68 23.82 -6.99 10.57
CA GLU B 68 23.55 -5.58 10.34
C GLU B 68 23.79 -5.29 8.87
N GLU B 69 24.67 -6.10 8.29
CA GLU B 69 25.05 -5.97 6.89
C GLU B 69 23.94 -6.35 5.92
N ASP B 70 23.56 -7.63 5.89
CA ASP B 70 22.53 -8.11 4.97
C ASP B 70 21.13 -7.47 5.11
N GLY B 71 21.03 -6.42 5.90
CA GLY B 71 19.76 -5.73 6.05
C GLY B 71 18.90 -5.98 7.28
N TYR B 72 19.47 -6.53 8.35
CA TYR B 72 18.66 -6.77 9.54
C TYR B 72 18.38 -5.43 10.19
N GLN B 73 17.23 -5.34 10.82
CA GLN B 73 16.83 -4.12 11.49
C GLN B 73 16.76 -4.41 12.98
N PHE B 74 17.91 -4.46 13.64
CA PHE B 74 17.90 -4.72 15.07
C PHE B 74 17.07 -3.64 15.73
N ASN B 75 16.55 -3.96 16.91
CA ASN B 75 15.70 -3.06 17.66
C ASN B 75 16.49 -2.18 18.61
N LYS B 76 16.22 -0.87 18.54
CA LYS B 76 16.88 0.11 19.41
C LYS B 76 15.89 1.06 20.05
N LYS B 77 16.28 1.56 21.22
CA LYS B 77 15.50 2.52 21.99
C LYS B 77 16.25 3.85 22.08
N GLN B 78 15.52 4.96 22.02
CA GLN B 78 16.15 6.27 22.09
C GLN B 78 16.06 6.82 23.52
N VAL B 79 17.00 6.42 24.37
CA VAL B 79 17.04 6.90 25.75
C VAL B 79 17.89 8.15 25.87
N GLY B 80 17.27 9.26 26.26
CA GLY B 80 17.97 10.52 26.39
C GLY B 80 18.35 11.06 25.02
N ASN B 81 19.56 10.73 24.59
CA ASN B 81 20.08 11.17 23.28
C ASN B 81 20.94 10.06 22.67
N VAL B 82 20.92 8.89 23.29
CA VAL B 82 21.69 7.75 22.81
C VAL B 82 20.79 6.57 22.44
N GLU B 83 21.08 5.95 21.30
CA GLU B 83 20.30 4.80 20.88
C GLU B 83 20.92 3.51 21.40
N GLN B 84 20.48 3.10 22.58
CA GLN B 84 20.95 1.87 23.19
C GLN B 84 20.26 0.78 22.37
N TYR B 85 20.87 -0.39 22.34
CA TYR B 85 20.23 -1.48 21.65
C TYR B 85 19.31 -2.04 22.73
N ALA B 86 18.24 -2.69 22.31
CA ALA B 86 17.29 -3.27 23.23
C ALA B 86 16.64 -4.37 22.43
N LEU B 87 17.46 -5.35 22.07
CA LEU B 87 17.03 -6.49 21.26
C LEU B 87 15.79 -7.13 21.84
N THR B 88 14.85 -7.45 20.95
CA THR B 88 13.60 -8.09 21.36
C THR B 88 13.79 -9.61 21.41
N ILE B 89 12.70 -10.36 21.52
CA ILE B 89 12.83 -11.81 21.58
C ILE B 89 13.19 -12.38 20.21
N GLN B 90 12.55 -11.89 19.15
CA GLN B 90 12.86 -12.39 17.81
C GLN B 90 14.34 -12.14 17.51
N ASN B 91 14.79 -10.93 17.85
CA ASN B 91 16.18 -10.51 17.67
C ASN B 91 17.16 -11.60 18.14
N VAL B 92 17.10 -11.92 19.44
CA VAL B 92 17.95 -12.93 20.01
C VAL B 92 17.82 -14.19 19.17
N ILE B 93 16.59 -14.63 18.94
CA ILE B 93 16.32 -15.82 18.14
C ILE B 93 16.95 -15.73 16.76
N ASP B 94 16.92 -14.55 16.17
CA ASP B 94 17.51 -14.38 14.86
C ASP B 94 19.04 -14.52 14.94
N ILE B 95 19.63 -14.03 16.02
CA ILE B 95 21.07 -14.14 16.21
C ILE B 95 21.37 -15.64 16.20
N TYR B 96 20.61 -16.35 17.03
CA TYR B 96 20.78 -17.79 17.14
C TYR B 96 20.73 -18.49 15.79
N ALA B 97 19.88 -17.98 14.91
CA ALA B 97 19.75 -18.56 13.59
C ALA B 97 21.03 -18.33 12.79
N HIS B 98 21.46 -17.08 12.71
CA HIS B 98 22.66 -16.71 11.98
C HIS B 98 23.87 -17.51 12.43
N ARG B 99 23.96 -17.76 13.74
CA ARG B 99 25.05 -18.53 14.33
C ARG B 99 24.89 -20.00 13.96
N LYS B 100 23.86 -20.27 13.15
CA LYS B 100 23.55 -21.62 12.68
C LYS B 100 23.32 -22.63 13.79
N ILE B 101 22.59 -22.21 14.82
CA ILE B 101 22.24 -23.07 15.96
C ILE B 101 20.88 -23.72 15.66
N PRO B 102 20.78 -25.03 15.84
CA PRO B 102 19.49 -25.66 15.55
C PRO B 102 18.31 -25.24 16.44
N LYS B 103 17.13 -25.14 15.83
CA LYS B 103 15.90 -24.81 16.55
C LYS B 103 15.28 -26.13 17.03
N TYR B 104 14.34 -26.04 17.98
CA TYR B 104 13.73 -27.24 18.52
C TYR B 104 13.12 -28.06 17.40
N ARG B 105 12.43 -27.40 16.48
CA ARG B 105 11.82 -28.08 15.36
C ARG B 105 12.92 -28.78 14.54
N ASP B 106 14.11 -28.21 14.52
CA ASP B 106 15.24 -28.75 13.78
C ASP B 106 15.77 -30.04 14.39
N ILE B 107 15.59 -30.23 15.68
CA ILE B 107 16.12 -31.42 16.32
C ILE B 107 15.09 -32.49 16.63
N HIS B 108 13.88 -32.10 17.02
CA HIS B 108 12.84 -33.08 17.35
C HIS B 108 11.81 -33.14 16.24
N LYS B 109 11.17 -34.31 16.07
CA LYS B 109 10.15 -34.49 15.04
C LYS B 109 8.82 -34.05 15.64
N SER B 110 8.10 -33.25 14.88
CA SER B 110 6.80 -32.65 15.23
C SER B 110 5.71 -33.53 15.91
N PRO B 111 5.09 -32.77 16.87
CA PRO B 111 4.04 -33.07 17.86
C PRO B 111 4.51 -33.89 19.04
N TYR B 112 4.52 -33.25 20.18
CA TYR B 112 4.80 -33.79 21.45
C TYR B 112 3.53 -33.35 22.20
N VAL B 113 2.53 -34.25 22.36
CA VAL B 113 1.28 -33.86 22.96
C VAL B 113 1.36 -34.09 24.46
N ILE B 114 1.04 -33.04 25.22
CA ILE B 114 1.10 -33.08 26.67
C ILE B 114 -0.26 -32.87 27.31
N PHE B 115 -0.65 -33.85 28.11
CA PHE B 115 -1.93 -33.84 28.81
C PHE B 115 -1.73 -33.20 30.18
N VAL B 116 -2.39 -32.07 30.39
CA VAL B 116 -2.28 -31.35 31.65
C VAL B 116 -3.45 -31.70 32.56
N VAL B 117 -3.15 -31.88 33.84
CA VAL B 117 -4.18 -32.22 34.81
C VAL B 117 -4.46 -31.07 35.78
N ASN B 118 -5.48 -30.26 35.46
CA ASN B 118 -5.87 -29.14 36.32
C ASN B 118 -7.29 -29.45 36.79
N LEU B 119 -7.60 -29.13 38.04
CA LEU B 119 -8.94 -29.40 38.57
C LEU B 119 -9.60 -28.10 39.01
N THR B 126 -5.04 -22.34 31.40
CA THR B 126 -4.48 -21.01 31.58
C THR B 126 -3.31 -21.01 32.56
N VAL B 127 -3.62 -20.93 33.85
CA VAL B 127 -2.60 -20.91 34.89
C VAL B 127 -1.58 -22.03 34.65
N SER B 128 -2.05 -23.27 34.74
CA SER B 128 -1.20 -24.45 34.54
C SER B 128 -1.07 -24.79 33.05
N THR B 129 -1.40 -23.87 32.15
CA THR B 129 -1.29 -24.15 30.72
C THR B 129 -0.94 -23.00 29.78
N VAL B 130 -1.89 -22.12 29.51
CA VAL B 130 -1.63 -21.03 28.60
C VAL B 130 -0.55 -20.07 29.07
N THR B 131 -0.26 -20.10 30.36
CA THR B 131 0.78 -19.25 30.93
C THR B 131 2.11 -20.01 30.83
N LEU B 132 2.04 -21.33 31.05
CA LEU B 132 3.22 -22.19 30.96
C LEU B 132 3.69 -22.09 29.50
N ALA B 133 2.76 -22.19 28.56
CA ALA B 133 3.08 -22.09 27.15
C ALA B 133 3.87 -20.82 26.91
N HIS B 134 3.39 -19.72 27.48
CA HIS B 134 4.07 -18.43 27.34
C HIS B 134 5.46 -18.48 27.98
N ALA B 135 5.54 -18.91 29.24
CA ALA B 135 6.81 -19.03 29.94
C ALA B 135 7.83 -19.71 29.03
N LEU B 136 7.58 -20.97 28.73
CA LEU B 136 8.41 -21.79 27.86
C LEU B 136 8.78 -21.08 26.56
N ARG B 137 7.80 -20.40 25.97
CA ARG B 137 8.03 -19.69 24.73
C ARG B 137 9.02 -18.55 24.91
N VAL B 138 8.92 -17.87 26.04
CA VAL B 138 9.77 -16.72 26.29
C VAL B 138 10.60 -16.85 27.55
N HIS B 139 11.67 -17.62 27.49
CA HIS B 139 12.55 -17.82 28.63
C HIS B 139 13.95 -17.69 28.07
N GLN B 140 14.74 -16.79 28.65
CA GLN B 140 16.10 -16.53 28.18
C GLN B 140 16.87 -17.74 27.69
N ASP B 141 16.75 -18.85 28.42
CA ASP B 141 17.45 -20.07 28.07
C ASP B 141 16.75 -21.01 27.09
N LEU B 142 15.54 -20.66 26.69
CA LEU B 142 14.78 -21.52 25.77
C LEU B 142 14.52 -20.78 24.46
N LEU B 143 15.19 -19.63 24.29
CA LEU B 143 15.00 -18.83 23.10
C LEU B 143 15.68 -19.45 21.90
N ARG B 144 16.73 -20.23 22.14
CA ARG B 144 17.46 -20.86 21.04
C ARG B 144 16.60 -21.93 20.40
N HIS B 145 15.62 -22.39 21.17
CA HIS B 145 14.71 -23.41 20.68
C HIS B 145 13.70 -22.83 19.67
N ASP B 146 13.31 -21.56 19.84
CA ASP B 146 12.36 -20.91 18.94
C ASP B 146 11.10 -21.76 18.89
N LEU B 147 10.77 -22.34 20.02
CA LEU B 147 9.64 -23.26 20.11
C LEU B 147 8.24 -22.70 19.86
N ARG B 148 7.47 -23.44 19.06
CA ARG B 148 6.10 -23.11 18.68
C ARG B 148 5.15 -23.93 19.55
N ILE B 149 4.22 -23.30 20.24
CA ILE B 149 3.33 -24.09 21.09
C ILE B 149 1.85 -23.87 20.80
N LEU B 150 1.02 -24.83 21.18
CA LEU B 150 -0.42 -24.73 20.99
C LEU B 150 -1.15 -25.31 22.18
N VAL B 151 -2.26 -24.67 22.53
CA VAL B 151 -3.04 -25.16 23.65
C VAL B 151 -4.44 -25.36 23.14
N ILE B 152 -4.96 -26.55 23.39
CA ILE B 152 -6.30 -26.91 23.00
C ILE B 152 -7.12 -26.99 24.28
N ASP B 153 -8.28 -26.35 24.25
CA ASP B 153 -9.15 -26.32 25.41
C ASP B 153 -10.39 -27.21 25.33
N LEU B 154 -10.34 -28.34 26.02
CA LEU B 154 -11.47 -29.26 26.04
C LEU B 154 -12.14 -29.20 27.42
N ASP B 155 -12.29 -27.98 27.92
CA ASP B 155 -12.92 -27.76 29.21
C ASP B 155 -13.58 -26.40 29.22
N PRO B 156 -14.86 -26.34 29.61
CA PRO B 156 -15.68 -25.13 29.68
C PRO B 156 -15.20 -23.98 30.58
N GLN B 157 -13.88 -23.84 30.76
CA GLN B 157 -13.34 -22.78 31.61
C GLN B 157 -12.00 -22.21 31.10
N ALA B 158 -11.77 -20.92 31.38
CA ALA B 158 -10.53 -20.22 31.00
C ALA B 158 -10.12 -20.29 29.53
N SER B 159 -8.93 -19.76 29.24
CA SER B 159 -8.34 -19.73 27.88
C SER B 159 -9.12 -19.00 26.80
N SER B 160 -10.40 -18.74 27.03
CA SER B 160 -11.23 -18.06 26.05
C SER B 160 -10.83 -16.59 25.82
N THR B 161 -10.68 -15.83 26.91
CA THR B 161 -10.31 -14.41 26.81
C THR B 161 -8.81 -14.21 26.96
N MET B 162 -8.07 -15.31 27.13
CA MET B 162 -6.61 -15.26 27.25
C MET B 162 -6.02 -14.97 25.87
N PHE B 163 -6.90 -14.89 24.87
CA PHE B 163 -6.51 -14.65 23.49
C PHE B 163 -5.97 -13.24 23.27
N LEU B 164 -6.60 -12.50 22.36
CA LEU B 164 -6.21 -11.12 22.04
C LEU B 164 -6.76 -10.12 23.05
N GLU B 175 -15.24 -20.75 16.88
CA GLU B 175 -15.25 -22.21 16.75
C GLU B 175 -14.47 -22.79 17.89
N THR B 176 -15.15 -23.56 18.73
CA THR B 176 -14.51 -24.15 19.89
C THR B 176 -13.71 -25.44 19.50
N ALA B 177 -12.96 -26.00 20.45
CA ALA B 177 -12.16 -27.19 20.18
C ALA B 177 -13.04 -28.34 19.69
N ALA B 178 -14.01 -28.73 20.54
CA ALA B 178 -14.95 -29.81 20.25
C ALA B 178 -15.76 -29.58 18.97
N GLN B 179 -16.08 -28.34 18.69
CA GLN B 179 -16.80 -28.06 17.47
C GLN B 179 -15.89 -28.25 16.25
N ALA B 180 -14.58 -28.13 16.46
CA ALA B 180 -13.60 -28.30 15.38
C ALA B 180 -13.37 -29.79 15.11
N MET B 181 -13.39 -30.58 16.17
CA MET B 181 -13.23 -32.02 16.08
C MET B 181 -14.39 -32.68 15.31
N LEU B 182 -15.62 -32.20 15.53
CA LEU B 182 -16.78 -32.75 14.84
C LEU B 182 -16.93 -32.19 13.44
N ASN B 183 -16.46 -30.97 13.21
CA ASN B 183 -16.59 -30.38 11.88
C ASN B 183 -15.57 -30.95 10.94
N ASN B 184 -14.61 -31.70 11.47
CA ASN B 184 -13.60 -32.31 10.63
C ASN B 184 -13.02 -31.33 9.60
N LEU B 185 -12.08 -30.47 10.01
CA LEU B 185 -11.51 -29.53 9.05
C LEU B 185 -10.09 -29.89 8.64
N ASP B 186 -9.60 -29.29 7.55
CA ASP B 186 -8.26 -29.53 7.06
C ASP B 186 -7.23 -28.55 7.63
N ALA B 187 -5.96 -28.90 7.49
CA ALA B 187 -4.85 -28.11 8.00
C ALA B 187 -5.01 -26.61 7.79
N GLU B 188 -5.17 -26.22 6.54
CA GLU B 188 -5.33 -24.81 6.20
C GLU B 188 -6.43 -24.18 7.03
N THR B 189 -7.66 -24.58 6.76
CA THR B 189 -8.82 -24.04 7.44
C THR B 189 -8.66 -23.98 8.95
N LEU B 190 -8.21 -25.06 9.58
CA LEU B 190 -8.02 -25.06 11.03
C LEU B 190 -7.14 -23.90 11.51
N ARG B 191 -5.95 -23.79 10.94
CA ARG B 191 -5.05 -22.74 11.37
C ARG B 191 -5.57 -21.38 10.92
N LYS B 192 -6.22 -21.34 9.77
CA LYS B 192 -6.75 -20.08 9.25
C LYS B 192 -8.08 -19.60 9.85
N GLU B 193 -8.84 -20.49 10.48
CA GLU B 193 -10.13 -20.12 11.05
C GLU B 193 -10.42 -20.62 12.45
N VAL B 194 -9.66 -21.61 12.90
CA VAL B 194 -9.92 -22.16 14.23
C VAL B 194 -8.86 -21.78 15.25
N ILE B 195 -7.61 -22.15 14.98
CA ILE B 195 -6.50 -21.83 15.88
C ILE B 195 -6.45 -20.31 16.10
N ARG B 196 -6.39 -19.88 17.35
CA ARG B 196 -6.35 -18.43 17.61
C ARG B 196 -5.05 -17.94 18.26
N PRO B 197 -4.64 -16.69 17.96
CA PRO B 197 -3.43 -16.04 18.50
C PRO B 197 -3.50 -15.65 19.97
N THR B 198 -2.36 -15.41 20.58
CA THR B 198 -2.37 -14.96 21.97
C THR B 198 -1.46 -13.75 22.07
N ILE B 199 -1.24 -13.25 23.29
CA ILE B 199 -0.38 -12.08 23.47
C ILE B 199 1.01 -12.36 22.91
N VAL B 200 1.48 -13.58 23.12
CA VAL B 200 2.79 -14.03 22.66
C VAL B 200 2.73 -14.73 21.30
N PRO B 201 3.49 -14.22 20.31
CA PRO B 201 3.55 -14.76 18.95
C PRO B 201 3.85 -16.25 18.80
N GLY B 202 4.53 -16.84 19.78
CA GLY B 202 4.82 -18.25 19.64
C GLY B 202 3.71 -19.17 20.09
N VAL B 203 2.76 -18.65 20.86
CA VAL B 203 1.67 -19.46 21.38
C VAL B 203 0.32 -19.15 20.76
N ASP B 204 -0.45 -20.21 20.52
CA ASP B 204 -1.77 -20.06 19.94
C ASP B 204 -2.71 -20.95 20.73
N VAL B 205 -4.01 -20.67 20.64
CA VAL B 205 -4.96 -21.47 21.38
C VAL B 205 -6.23 -21.75 20.60
N ILE B 206 -6.84 -22.89 20.95
CA ILE B 206 -8.14 -23.30 20.39
C ILE B 206 -9.01 -23.28 21.66
N PRO B 207 -9.79 -22.21 21.82
CA PRO B 207 -10.69 -21.96 22.95
C PRO B 207 -11.80 -22.96 23.22
N ALA B 208 -12.25 -22.99 24.47
CA ALA B 208 -13.33 -23.87 24.86
C ALA B 208 -14.58 -23.03 25.05
N SER B 209 -15.61 -23.64 25.60
CA SER B 209 -16.90 -22.99 25.85
C SER B 209 -17.75 -23.84 26.79
N ILE B 210 -18.88 -23.29 27.23
CA ILE B 210 -19.77 -24.00 28.13
C ILE B 210 -20.63 -25.00 27.38
N ASP B 211 -20.94 -24.67 26.13
CA ASP B 211 -21.75 -25.52 25.28
C ASP B 211 -21.05 -26.84 25.01
N ASP B 212 -19.73 -26.83 25.16
CA ASP B 212 -18.96 -28.03 24.92
C ASP B 212 -19.33 -29.16 25.88
N GLY B 213 -19.98 -28.81 26.99
CA GLY B 213 -20.41 -29.81 27.95
C GLY B 213 -21.57 -30.61 27.36
N PHE B 214 -22.40 -29.93 26.57
CA PHE B 214 -23.53 -30.56 25.91
C PHE B 214 -23.02 -31.49 24.83
N VAL B 215 -22.07 -31.00 24.05
CA VAL B 215 -21.46 -31.77 22.97
C VAL B 215 -20.85 -33.03 23.56
N ALA B 216 -20.19 -32.88 24.71
CA ALA B 216 -19.56 -34.02 25.38
C ALA B 216 -20.57 -35.05 25.88
N SER B 217 -21.84 -34.73 25.74
CA SER B 217 -22.93 -35.60 26.18
C SER B 217 -23.53 -36.34 24.99
N GLN B 218 -23.62 -35.64 23.86
CA GLN B 218 -24.15 -36.21 22.63
C GLN B 218 -22.92 -36.60 21.81
N TRP B 219 -21.82 -36.86 22.51
CA TRP B 219 -20.58 -37.20 21.83
C TRP B 219 -20.68 -38.35 20.84
N ARG B 220 -20.84 -39.57 21.34
CA ARG B 220 -20.90 -40.73 20.44
C ARG B 220 -21.86 -40.50 19.30
N GLU B 221 -23.08 -40.12 19.62
CA GLU B 221 -24.08 -39.88 18.61
C GLU B 221 -23.56 -38.85 17.60
N LEU B 222 -23.03 -37.74 18.11
CA LEU B 222 -22.50 -36.67 17.26
C LEU B 222 -21.39 -37.17 16.36
N VAL B 223 -20.49 -37.98 16.92
CA VAL B 223 -19.39 -38.54 16.16
C VAL B 223 -19.96 -39.44 15.07
N GLU B 224 -21.01 -40.18 15.43
CA GLU B 224 -21.67 -41.09 14.48
C GLU B 224 -22.40 -40.34 13.38
N GLU B 225 -22.97 -39.18 13.70
CA GLU B 225 -23.67 -38.43 12.67
C GLU B 225 -22.71 -37.58 11.82
N HIS B 226 -21.70 -36.99 12.45
CA HIS B 226 -20.80 -36.16 11.68
C HIS B 226 -19.50 -36.77 11.27
N LEU B 227 -19.10 -37.84 11.95
CA LEU B 227 -17.84 -38.50 11.64
C LEU B 227 -17.94 -39.99 11.36
N PRO B 228 -18.84 -40.38 10.45
CA PRO B 228 -19.02 -41.79 10.10
C PRO B 228 -17.73 -42.50 9.77
N GLY B 229 -17.40 -43.50 10.57
CA GLY B 229 -16.19 -44.26 10.33
C GLY B 229 -15.00 -43.79 11.12
N GLN B 230 -15.20 -42.78 11.96
CA GLN B 230 -14.12 -42.28 12.79
C GLN B 230 -14.35 -42.75 14.22
N ASN B 231 -13.28 -43.10 14.89
CA ASN B 231 -13.34 -43.60 16.25
C ASN B 231 -13.61 -42.45 17.20
N GLN B 232 -14.59 -42.58 18.09
CA GLN B 232 -14.91 -41.49 19.01
C GLN B 232 -13.81 -41.07 19.98
N TYR B 233 -12.78 -41.90 20.14
CA TYR B 233 -11.69 -41.50 21.03
C TYR B 233 -10.43 -41.08 20.26
N GLU B 234 -10.48 -41.14 18.94
CA GLU B 234 -9.32 -40.72 18.16
C GLU B 234 -9.62 -39.41 17.45
N ILE B 235 -10.74 -38.79 17.80
CA ILE B 235 -11.12 -37.53 17.15
C ILE B 235 -10.15 -36.39 17.39
N LEU B 236 -9.60 -36.27 18.58
CA LEU B 236 -8.64 -35.18 18.85
C LEU B 236 -7.42 -35.37 17.94
N ARG B 237 -6.76 -36.52 18.06
CA ARG B 237 -5.57 -36.82 17.24
C ARG B 237 -5.83 -36.65 15.75
N ARG B 238 -6.86 -37.34 15.27
CA ARG B 238 -7.19 -37.33 13.87
C ARG B 238 -7.59 -36.02 13.26
N ASN B 239 -8.46 -35.28 13.92
CA ASN B 239 -8.91 -34.02 13.33
C ASN B 239 -8.23 -32.70 13.75
N ILE B 240 -7.44 -32.73 14.82
CA ILE B 240 -6.74 -31.51 15.26
C ILE B 240 -5.23 -31.74 15.21
N ILE B 241 -4.74 -32.54 16.16
CA ILE B 241 -3.31 -32.79 16.25
C ILE B 241 -2.63 -33.17 14.95
N ASP B 242 -3.03 -34.29 14.34
CA ASP B 242 -2.42 -34.74 13.09
C ASP B 242 -2.53 -33.72 11.94
N ARG B 243 -3.46 -32.77 12.05
CA ARG B 243 -3.62 -31.81 10.98
C ARG B 243 -2.68 -30.62 11.11
N VAL B 244 -2.09 -30.47 12.28
CA VAL B 244 -1.18 -29.34 12.49
C VAL B 244 0.15 -29.81 13.01
N ALA B 245 0.50 -31.06 12.72
CA ALA B 245 1.75 -31.64 13.21
C ALA B 245 3.01 -30.90 12.82
N ASP B 246 3.19 -30.62 11.54
CA ASP B 246 4.40 -29.94 11.12
C ASP B 246 4.49 -28.49 11.59
N ASP B 247 3.52 -28.03 12.35
CA ASP B 247 3.52 -26.64 12.78
C ASP B 247 3.74 -26.34 14.27
N TYR B 248 3.91 -27.36 15.09
CA TYR B 248 4.07 -27.14 16.51
C TYR B 248 5.02 -28.14 17.16
N ASP B 249 5.77 -27.68 18.15
CA ASP B 249 6.72 -28.55 18.85
C ASP B 249 6.05 -29.18 20.06
N PHE B 250 5.23 -28.37 20.72
CA PHE B 250 4.47 -28.81 21.90
C PHE B 250 2.97 -28.50 21.68
N ILE B 251 2.11 -29.37 22.21
CA ILE B 251 0.67 -29.16 22.11
C ILE B 251 0.05 -29.61 23.43
N PHE B 252 -0.37 -28.65 24.25
CA PHE B 252 -0.95 -28.96 25.55
C PHE B 252 -2.45 -29.14 25.46
N ILE B 253 -2.97 -30.06 26.28
CA ILE B 253 -4.39 -30.37 26.29
C ILE B 253 -5.03 -30.15 27.65
N ASP B 254 -6.08 -29.32 27.64
CA ASP B 254 -6.85 -28.96 28.83
C ASP B 254 -8.19 -29.70 28.87
N THR B 255 -8.41 -30.45 29.94
CA THR B 255 -9.66 -31.20 30.08
C THR B 255 -10.23 -31.12 31.48
N GLY B 256 -11.55 -31.03 31.57
CA GLY B 256 -12.19 -30.98 32.87
C GLY B 256 -12.11 -32.33 33.56
N PRO B 257 -12.09 -32.36 34.90
CA PRO B 257 -12.02 -33.60 35.66
C PRO B 257 -13.25 -34.48 35.40
N HIS B 258 -14.41 -33.88 35.62
CA HIS B 258 -15.70 -34.53 35.43
C HIS B 258 -15.82 -35.19 34.05
N LEU B 259 -15.52 -34.42 33.01
CA LEU B 259 -15.61 -34.89 31.63
C LEU B 259 -15.03 -36.27 31.40
N ASP B 260 -15.45 -36.91 30.31
CA ASP B 260 -14.98 -38.25 29.96
C ASP B 260 -14.66 -38.40 28.48
N PRO B 261 -15.63 -38.13 27.59
CA PRO B 261 -15.32 -38.28 26.16
C PRO B 261 -14.11 -37.41 25.79
N PHE B 262 -13.98 -36.25 26.43
CA PHE B 262 -12.85 -35.38 26.17
C PHE B 262 -11.61 -35.88 26.94
N LEU B 263 -11.83 -36.40 28.15
CA LEU B 263 -10.71 -36.91 28.91
C LEU B 263 -10.14 -38.09 28.13
N LEU B 264 -11.05 -38.85 27.50
CA LEU B 264 -10.65 -40.03 26.73
C LEU B 264 -9.85 -39.67 25.48
N ASN B 265 -10.34 -38.72 24.70
CA ASN B 265 -9.63 -38.29 23.50
C ASN B 265 -8.26 -37.78 23.89
N GLY B 266 -8.21 -37.04 24.99
CA GLY B 266 -6.95 -36.50 25.46
C GLY B 266 -5.97 -37.57 25.87
N LEU B 267 -6.45 -38.58 26.58
CA LEU B 267 -5.57 -39.65 27.01
C LEU B 267 -5.09 -40.49 25.85
N ALA B 268 -5.81 -40.41 24.74
CA ALA B 268 -5.47 -41.19 23.57
C ALA B 268 -4.51 -40.47 22.62
N ALA B 269 -4.51 -39.14 22.65
CA ALA B 269 -3.68 -38.38 21.72
C ALA B 269 -2.37 -37.90 22.25
N SER B 270 -2.26 -37.86 23.57
CA SER B 270 -1.07 -37.33 24.23
C SER B 270 0.08 -38.28 24.53
N ASP B 271 1.27 -37.71 24.43
CA ASP B 271 2.51 -38.41 24.66
C ASP B 271 2.91 -38.41 26.12
N LEU B 272 2.98 -37.20 26.68
CA LEU B 272 3.40 -36.98 28.04
C LEU B 272 2.24 -36.59 28.92
N LEU B 273 2.36 -36.92 30.20
CA LEU B 273 1.30 -36.58 31.13
C LEU B 273 1.83 -35.65 32.21
N LEU B 274 1.28 -34.43 32.28
CA LEU B 274 1.68 -33.45 33.29
C LEU B 274 0.67 -33.46 34.43
N THR B 275 1.17 -33.65 35.65
CA THR B 275 0.34 -33.69 36.83
C THR B 275 0.82 -32.81 37.97
N PRO B 276 0.20 -31.62 38.13
CA PRO B 276 0.58 -30.69 39.19
C PRO B 276 0.01 -31.21 40.53
N THR B 277 0.67 -30.89 41.64
CA THR B 277 0.20 -31.35 42.96
C THR B 277 -0.41 -30.25 43.81
N PRO B 278 -1.69 -30.41 44.17
CA PRO B 278 -2.39 -29.42 44.97
C PRO B 278 -1.78 -29.28 46.37
N PRO B 279 -1.35 -28.05 46.74
CA PRO B 279 -0.74 -27.83 48.05
C PRO B 279 -1.74 -28.14 49.19
N ALA B 280 -2.90 -27.49 49.14
CA ALA B 280 -3.95 -27.67 50.14
C ALA B 280 -4.58 -29.05 49.96
N GLN B 281 -4.83 -29.73 51.06
CA GLN B 281 -5.43 -31.07 51.03
C GLN B 281 -6.95 -31.07 50.80
N VAL B 282 -7.54 -29.88 50.67
CA VAL B 282 -8.97 -29.74 50.43
C VAL B 282 -9.28 -30.20 49.01
N ASP B 283 -8.26 -30.15 48.16
CA ASP B 283 -8.37 -30.57 46.76
C ASP B 283 -7.19 -31.47 46.38
N PHE B 284 -6.28 -31.68 47.34
CA PHE B 284 -5.11 -32.53 47.16
C PHE B 284 -5.60 -33.98 47.19
N HIS B 285 -6.70 -34.22 47.89
CA HIS B 285 -7.22 -35.56 47.93
C HIS B 285 -7.84 -35.81 46.56
N SER B 286 -8.23 -34.70 45.91
CA SER B 286 -8.92 -34.76 44.61
C SER B 286 -7.99 -35.20 43.48
N THR B 287 -6.69 -34.94 43.65
CA THR B 287 -5.70 -35.32 42.67
C THR B 287 -5.26 -36.77 42.90
N LEU B 288 -5.05 -37.16 44.15
CA LEU B 288 -4.63 -38.51 44.44
C LEU B 288 -5.66 -39.52 43.93
N LYS B 289 -6.94 -39.19 44.08
CA LYS B 289 -8.02 -40.09 43.63
C LYS B 289 -8.16 -40.05 42.12
N TYR B 290 -7.84 -38.89 41.56
CA TYR B 290 -7.90 -38.68 40.12
C TYR B 290 -6.96 -39.69 39.51
N LEU B 291 -5.68 -39.63 39.88
CA LEU B 291 -4.68 -40.54 39.39
C LEU B 291 -5.18 -42.01 39.57
N THR B 292 -6.10 -42.24 40.51
CA THR B 292 -6.60 -43.59 40.80
C THR B 292 -7.61 -43.99 39.73
N ARG B 293 -8.28 -43.02 39.09
CA ARG B 293 -9.29 -43.30 38.09
C ARG B 293 -8.72 -43.50 36.70
N LEU B 294 -7.63 -42.81 36.39
CA LEU B 294 -7.01 -42.90 35.07
C LEU B 294 -6.92 -44.29 34.45
N PRO B 295 -6.28 -45.24 35.14
CA PRO B 295 -6.18 -46.58 34.57
C PRO B 295 -7.51 -47.11 34.05
N GLU B 296 -8.57 -46.91 34.81
CA GLU B 296 -9.87 -47.39 34.36
C GLU B 296 -10.20 -46.63 33.08
N MET B 297 -9.67 -45.42 32.95
CA MET B 297 -9.90 -44.57 31.78
C MET B 297 -9.15 -45.04 30.54
N LEU B 298 -7.93 -45.52 30.74
CA LEU B 298 -7.12 -46.01 29.65
C LEU B 298 -7.67 -47.36 29.26
N GLU B 299 -8.28 -48.04 30.21
CA GLU B 299 -8.86 -49.36 29.97
C GLU B 299 -10.14 -49.19 29.16
N GLN B 300 -10.68 -47.98 29.19
CA GLN B 300 -11.90 -47.71 28.45
C GLN B 300 -11.49 -47.44 27.00
N LEU B 301 -10.34 -46.80 26.83
CA LEU B 301 -9.82 -46.51 25.50
C LEU B 301 -9.57 -47.82 24.76
N GLU B 302 -8.88 -48.77 25.39
CA GLU B 302 -8.60 -50.04 24.73
C GLU B 302 -9.86 -50.85 24.47
N GLU B 303 -10.94 -50.53 25.15
CA GLU B 303 -12.16 -51.26 24.90
C GLU B 303 -12.67 -50.92 23.51
N GLU B 304 -12.27 -49.74 23.01
CA GLU B 304 -12.68 -49.30 21.68
C GLU B 304 -11.58 -49.63 20.68
N GLY B 305 -10.61 -50.43 21.13
CA GLY B 305 -9.51 -50.81 20.27
C GLY B 305 -8.61 -49.64 19.92
N VAL B 306 -8.43 -48.74 20.89
CA VAL B 306 -7.60 -47.56 20.73
C VAL B 306 -6.42 -47.58 21.68
N GLU B 307 -5.23 -47.85 21.13
CA GLU B 307 -3.99 -47.87 21.91
C GLU B 307 -3.64 -46.46 22.33
N PRO B 308 -3.68 -46.18 23.63
CA PRO B 308 -3.34 -44.86 24.16
C PRO B 308 -1.90 -44.47 23.85
N ARG B 309 -1.68 -43.20 23.53
CA ARG B 309 -0.33 -42.72 23.21
C ARG B 309 0.60 -42.42 24.39
N LEU B 310 0.06 -42.25 25.60
CA LEU B 310 0.88 -41.95 26.80
C LEU B 310 2.12 -42.81 26.89
N SER B 311 3.29 -42.19 26.82
CA SER B 311 4.56 -42.91 26.86
C SER B 311 5.47 -42.44 27.98
N ALA B 312 5.10 -41.32 28.58
CA ALA B 312 5.87 -40.75 29.66
C ALA B 312 4.95 -39.98 30.61
N SER B 313 5.49 -39.61 31.77
CA SER B 313 4.73 -38.86 32.76
C SER B 313 5.64 -38.00 33.59
N ILE B 314 5.17 -36.79 33.87
CA ILE B 314 5.89 -35.82 34.68
C ILE B 314 4.93 -35.23 35.70
N GLY B 315 5.32 -35.26 36.97
CA GLY B 315 4.48 -34.72 38.02
C GLY B 315 5.23 -33.70 38.88
N PHE B 316 4.58 -32.60 39.22
CA PHE B 316 5.21 -31.55 40.02
C PHE B 316 4.36 -30.98 41.15
N MET B 317 5.02 -30.71 42.29
CA MET B 317 4.38 -30.16 43.48
C MET B 317 4.05 -28.68 43.23
N SER B 318 2.76 -28.34 43.18
CA SER B 318 2.34 -26.96 42.95
C SER B 318 2.50 -26.06 44.18
N LYS B 319 2.46 -24.74 43.97
CA LYS B 319 2.61 -23.80 45.07
C LYS B 319 1.28 -23.24 45.52
N LYS B 323 0.82 -24.22 58.09
CA LYS B 323 2.03 -24.11 57.26
C LYS B 323 3.09 -25.15 57.66
N ARG B 324 3.16 -25.47 58.94
CA ARG B 324 4.13 -26.44 59.45
C ARG B 324 3.78 -27.86 59.04
N ASP B 325 2.51 -28.07 58.71
CA ASP B 325 2.01 -29.38 58.31
C ASP B 325 1.81 -29.46 56.80
N HIS B 326 1.72 -28.29 56.16
CA HIS B 326 1.53 -28.20 54.72
C HIS B 326 2.65 -28.91 53.96
N GLU B 327 3.83 -29.00 54.58
CA GLU B 327 5.01 -29.64 53.98
C GLU B 327 4.84 -31.15 53.85
N THR B 328 3.78 -31.69 54.46
CA THR B 328 3.52 -33.12 54.40
C THR B 328 2.96 -33.49 53.04
N SER B 329 2.23 -32.58 52.40
CA SER B 329 1.68 -32.88 51.09
C SER B 329 2.81 -33.04 50.08
N HIS B 330 4.05 -32.80 50.53
CA HIS B 330 5.23 -32.88 49.65
C HIS B 330 6.13 -34.09 49.97
N SER B 331 6.32 -34.38 51.26
CA SER B 331 7.14 -35.49 51.72
C SER B 331 6.60 -36.83 51.26
N LEU B 332 5.39 -37.13 51.69
CA LEU B 332 4.74 -38.38 51.34
C LEU B 332 4.32 -38.33 49.87
N ALA B 333 4.59 -37.19 49.25
CA ALA B 333 4.25 -36.97 47.84
C ALA B 333 5.34 -37.42 46.88
N ARG B 334 6.57 -37.45 47.36
CA ARG B 334 7.68 -37.87 46.51
C ARG B 334 7.60 -39.37 46.25
N GLU B 335 6.63 -40.03 46.87
CA GLU B 335 6.43 -41.48 46.70
C GLU B 335 5.21 -41.79 45.83
N VAL B 336 4.57 -40.78 45.26
CA VAL B 336 3.38 -40.97 44.43
C VAL B 336 3.68 -40.84 42.93
N TYR B 337 4.72 -40.09 42.60
CA TYR B 337 5.10 -39.87 41.21
C TYR B 337 6.39 -40.58 40.83
N ALA B 338 6.74 -41.63 41.56
CA ALA B 338 7.96 -42.37 41.28
C ALA B 338 9.16 -41.43 41.17
N SER B 339 10.19 -41.86 40.44
CA SER B 339 11.38 -41.02 40.25
C SER B 339 11.05 -40.02 39.16
N ASN B 340 9.75 -39.77 38.99
CA ASN B 340 9.24 -38.85 37.99
C ASN B 340 8.52 -37.68 38.67
N ILE B 341 9.28 -36.85 39.37
CA ILE B 341 8.72 -35.69 40.09
C ILE B 341 9.53 -34.42 39.86
N LEU B 342 8.87 -33.29 40.08
CA LEU B 342 9.51 -31.98 39.94
C LEU B 342 9.37 -31.25 41.27
N ASP B 343 10.49 -31.07 41.97
CA ASP B 343 10.45 -30.41 43.27
C ASP B 343 10.50 -28.89 43.14
N SER B 344 9.63 -28.34 42.30
CA SER B 344 9.56 -26.89 42.11
C SER B 344 8.07 -26.48 42.04
N SER B 345 7.66 -25.56 42.92
CA SER B 345 6.27 -25.09 43.00
C SER B 345 5.84 -24.17 41.85
N LEU B 346 4.56 -24.29 41.46
CA LEU B 346 4.02 -23.49 40.37
C LEU B 346 2.92 -22.52 40.82
N PRO B 347 3.13 -21.22 40.60
CA PRO B 347 2.18 -20.15 40.97
C PRO B 347 0.87 -20.26 40.18
N ALA B 374 12.28 -4.20 44.09
CA ALA B 374 11.86 -5.55 43.73
C ALA B 374 12.46 -6.58 44.69
N GLU B 375 11.76 -6.83 45.79
CA GLU B 375 12.21 -7.78 46.80
C GLU B 375 11.62 -9.18 46.51
N ALA B 376 10.34 -9.36 46.83
CA ALA B 376 9.67 -10.65 46.60
C ALA B 376 9.58 -10.92 45.09
N LEU B 377 9.64 -9.87 44.27
CA LEU B 377 9.59 -10.01 42.82
C LEU B 377 10.84 -10.74 42.33
N LYS B 378 11.94 -10.55 43.04
CA LYS B 378 13.23 -11.17 42.69
C LYS B 378 13.38 -12.63 43.14
N LYS B 379 12.85 -12.96 44.32
CA LYS B 379 12.90 -14.32 44.85
C LYS B 379 11.86 -15.18 44.14
N ALA B 380 10.78 -14.54 43.71
CA ALA B 380 9.68 -15.20 43.03
C ALA B 380 9.90 -15.34 41.52
N ARG B 381 10.02 -14.20 40.84
CA ARG B 381 10.23 -14.21 39.39
C ARG B 381 11.35 -15.15 38.98
N THR B 382 12.53 -14.96 39.55
CA THR B 382 13.69 -15.79 39.23
C THR B 382 13.44 -17.28 39.50
N GLU B 383 12.44 -17.59 40.32
CA GLU B 383 12.13 -18.97 40.65
C GLU B 383 11.04 -19.54 39.74
N ALA B 384 10.14 -18.68 39.27
CA ALA B 384 9.07 -19.11 38.39
C ALA B 384 9.68 -19.62 37.10
N GLU B 385 10.72 -18.93 36.63
CA GLU B 385 11.40 -19.33 35.40
C GLU B 385 12.32 -20.51 35.73
N ARG B 386 12.60 -20.71 37.02
CA ARG B 386 13.42 -21.83 37.43
C ARG B 386 12.60 -23.09 37.20
N PHE B 387 11.31 -23.02 37.50
CA PHE B 387 10.41 -24.15 37.30
C PHE B 387 10.24 -24.36 35.80
N THR B 388 10.02 -23.26 35.09
CA THR B 388 9.85 -23.30 33.65
C THR B 388 10.89 -24.21 33.01
N LYS B 389 12.11 -24.19 33.54
CA LYS B 389 13.17 -25.02 32.96
C LYS B 389 13.21 -26.45 33.52
N ALA B 390 12.60 -26.64 34.68
CA ALA B 390 12.56 -27.96 35.31
C ALA B 390 11.57 -28.79 34.51
N VAL B 391 10.54 -28.14 34.01
CA VAL B 391 9.54 -28.82 33.21
C VAL B 391 10.14 -29.15 31.84
N PHE B 392 10.74 -28.15 31.22
CA PHE B 392 11.37 -28.35 29.91
C PHE B 392 12.46 -29.40 30.00
N ASP B 393 13.40 -29.19 30.90
CA ASP B 393 14.50 -30.14 31.07
C ASP B 393 13.99 -31.54 31.28
N ARG B 394 12.82 -31.66 31.90
CA ARG B 394 12.25 -32.98 32.14
C ARG B 394 11.64 -33.54 30.86
N ILE B 395 10.93 -32.67 30.12
CA ILE B 395 10.31 -33.06 28.86
C ILE B 395 11.43 -33.57 27.96
N GLU B 396 12.58 -32.93 28.02
CA GLU B 396 13.70 -33.33 27.18
C GLU B 396 14.28 -34.65 27.66
N PHE B 397 14.06 -34.96 28.93
CA PHE B 397 14.58 -36.20 29.48
C PHE B 397 13.70 -37.35 29.03
N VAL B 398 12.45 -37.35 29.47
CA VAL B 398 11.52 -38.42 29.09
C VAL B 398 11.53 -38.67 27.59
N ARG B 399 11.68 -37.61 26.80
CA ARG B 399 11.72 -37.73 25.36
C ARG B 399 12.98 -38.48 24.92
N GLY B 400 14.09 -37.73 24.82
CA GLY B 400 15.36 -38.32 24.41
C GLY B 400 15.71 -39.61 25.14
N GLU B 401 15.72 -39.55 26.46
CA GLU B 401 16.04 -40.72 27.27
C GLU B 401 14.80 -41.59 27.53
MG MG C . 10.84 29.59 -51.06
#